data_3WAK
#
_entry.id   3WAK
#
_cell.length_a   123.357
_cell.length_b   123.357
_cell.length_c   182.496
_cell.angle_alpha   90.00
_cell.angle_beta   90.00
_cell.angle_gamma   90.00
#
_symmetry.space_group_name_H-M   'P 43 21 2'
#
loop_
_entity.id
_entity.type
_entity.pdbx_description
1 polymer 'Transmembrane oligosaccharyl transferase'
2 non-polymer 'MANGANESE (II) ION'
#
_entity_poly.entity_id   1
_entity_poly.type   'polypeptide(L)'
_entity_poly.pdbx_seq_one_letter_code
;MQNAESWFKKYWHLSVLVIAALISVKLRILNPWNSVFTWTVRLGGNDPWYYYRLIENTIHNFPHRIWFDPFTYYPYGSYT
HFGPFLVYLGSIAGIIFSATSGESLRAVLAFIPAIGGVLAILPVYLLTREVFDKRAAVIAAFLIAIVPGQFLQRSILGFN
DHHIWEAFWQVSALGTFLLAYNRWKGHDLSHNLTARQMAYPVIAGITIGLYVLSWGAGFIIAPIILAFMFFAFVLAGFVN
ADRKNLSLVAVVTFAVSALIYLPFAFNYPGFSTIFYSPFQLLVLLGSAVIAAAFYQIEKWNDVGFFERVGLGRKGMPLAV
IVLTALIMGLFFVISPDFARNLLSVVRVVQPKGGALTIAEVYPFFFTHNGEFTLTNAVLHFGALFFFGMAGILYSAYRFL
KRRSFPEMALLIWAIAMFIALWGQNRFAYYFAAVSAVYSALALSVVFDKLHLYRALENAIGARNKLSYFRVAFALLIALA
AIYPTYILADAQSSYAGGPNKQWYDALTWMRENTPDGEKYDEYYLQLYPTPQSNKEPFSYPFETYGVISWWDYGHWIEAV
AHRMPIANPFQAGIGNKYNNVPGASSFFTAENESYAEFVAEKLNVKYVVSDIEMETGKYYAMAVWAEGDLPLAEKYYGGY
FYYSPTGTFGYANSQWDIPLNSIIIPLRIPSELYYSTMEAKLHLFDGSGLSHYRMIYESDYPAEWKSYSSQVNLNNESQV
LQTALYEAVMRARYGVSPTMGTQEVLYKYAYTQLYEKKMGIPVKIAPSGYVKIFERVKGAVVTGKVSANVTEVSVNATIK
TNQNRTFEYWQTVEVKNGTYTVVLPYSHNSDYPVKPITPYHIKAGNVVKEITIYESQVQNGEIIQLDLELALVPR
;
_entity_poly.pdbx_strand_id   A
#
# COMPACT_ATOMS: atom_id res chain seq x y z
N GLU A 5 -39.82 -29.56 3.40
CA GLU A 5 -39.51 -30.16 4.70
C GLU A 5 -39.20 -31.65 4.56
N SER A 6 -38.20 -32.14 5.30
CA SER A 6 -37.44 -31.33 6.23
C SER A 6 -36.43 -30.41 5.55
N TRP A 7 -35.85 -30.85 4.45
CA TRP A 7 -35.09 -29.94 3.59
C TRP A 7 -36.08 -28.87 3.15
N PHE A 8 -35.76 -27.60 3.36
CA PHE A 8 -34.43 -27.17 3.79
C PHE A 8 -34.22 -27.10 5.31
N LYS A 9 -33.66 -28.18 5.86
CA LYS A 9 -33.26 -28.29 7.27
C LYS A 9 -32.75 -29.71 7.47
N LYS A 10 -31.51 -29.86 7.98
CA LYS A 10 -30.68 -28.74 8.39
C LYS A 10 -29.74 -28.27 7.28
N TYR A 11 -30.26 -28.10 6.08
CA TYR A 11 -29.47 -27.60 4.97
C TYR A 11 -29.73 -26.11 4.75
N TRP A 12 -30.70 -25.57 5.48
CA TRP A 12 -31.01 -24.15 5.39
C TRP A 12 -29.83 -23.29 5.84
N HIS A 13 -29.30 -23.60 7.02
CA HIS A 13 -28.15 -22.87 7.55
C HIS A 13 -26.87 -23.21 6.79
N LEU A 14 -26.97 -24.17 5.87
CA LEU A 14 -25.84 -24.58 5.06
C LEU A 14 -25.96 -23.98 3.67
N SER A 15 -27.19 -23.85 3.19
CA SER A 15 -27.45 -23.27 1.88
C SER A 15 -26.99 -21.82 1.81
N VAL A 16 -27.41 -21.03 2.79
CA VAL A 16 -27.06 -19.61 2.88
C VAL A 16 -25.55 -19.38 2.79
N LEU A 17 -24.77 -20.27 3.41
CA LEU A 17 -23.32 -20.23 3.31
C LEU A 17 -22.89 -20.38 1.85
N VAL A 18 -23.42 -21.42 1.19
CA VAL A 18 -23.15 -21.66 -0.22
C VAL A 18 -23.62 -20.47 -1.05
N ILE A 19 -24.78 -19.92 -0.69
CA ILE A 19 -25.27 -18.70 -1.31
C ILE A 19 -24.26 -17.56 -1.09
N ALA A 20 -23.85 -17.40 0.17
CA ALA A 20 -22.88 -16.37 0.52
C ALA A 20 -21.56 -16.55 -0.23
N ALA A 21 -21.11 -17.80 -0.33
CA ALA A 21 -19.89 -18.12 -1.05
C ALA A 21 -19.98 -17.68 -2.50
N LEU A 22 -21.11 -17.99 -3.13
CA LEU A 22 -21.33 -17.64 -4.53
C LEU A 22 -21.40 -16.12 -4.73
N ILE A 23 -21.92 -15.41 -3.74
CA ILE A 23 -21.95 -13.95 -3.78
C ILE A 23 -20.53 -13.40 -3.72
N SER A 24 -19.71 -14.00 -2.86
CA SER A 24 -18.31 -13.63 -2.75
C SER A 24 -17.58 -13.83 -4.08
N VAL A 25 -17.76 -15.01 -4.67
CA VAL A 25 -17.17 -15.32 -5.97
C VAL A 25 -17.58 -14.31 -7.04
N LYS A 26 -18.86 -13.93 -7.02
CA LYS A 26 -19.38 -12.90 -7.91
C LYS A 26 -18.63 -11.58 -7.74
N LEU A 27 -18.36 -11.22 -6.49
CA LEU A 27 -17.68 -9.96 -6.18
C LEU A 27 -16.16 -10.07 -6.40
N ARG A 28 -15.54 -11.05 -5.76
CA ARG A 28 -14.10 -11.22 -5.80
C ARG A 28 -13.56 -11.55 -7.20
N ILE A 29 -14.26 -12.43 -7.91
CA ILE A 29 -13.75 -12.96 -9.17
C ILE A 29 -14.41 -12.41 -10.42
N LEU A 30 -15.73 -12.53 -10.51
CA LEU A 30 -16.47 -12.16 -11.72
C LEU A 30 -16.38 -10.67 -12.07
N ASN A 31 -16.66 -9.81 -11.10
CA ASN A 31 -16.63 -8.36 -11.32
C ASN A 31 -15.33 -7.81 -11.90
N PRO A 32 -14.18 -8.03 -11.23
CA PRO A 32 -12.98 -7.37 -11.74
C PRO A 32 -12.35 -8.09 -12.92
N TRP A 33 -12.82 -9.31 -13.19
CA TRP A 33 -12.22 -10.21 -14.18
C TRP A 33 -11.68 -9.54 -15.45
N ASN A 34 -12.51 -8.72 -16.08
CA ASN A 34 -12.14 -8.05 -17.31
C ASN A 34 -11.04 -6.99 -17.14
N SER A 35 -10.79 -6.61 -15.89
CA SER A 35 -9.77 -5.59 -15.60
C SER A 35 -8.47 -6.23 -15.11
N VAL A 36 -8.56 -7.47 -14.62
CA VAL A 36 -7.38 -8.20 -14.19
C VAL A 36 -6.74 -8.93 -15.37
N PHE A 37 -7.55 -9.74 -16.05
CA PHE A 37 -7.07 -10.46 -17.24
C PHE A 37 -7.30 -9.62 -18.50
N THR A 38 -6.45 -8.62 -18.71
CA THR A 38 -6.55 -7.78 -19.89
C THR A 38 -5.46 -8.10 -20.91
N TRP A 39 -4.76 -7.07 -21.37
CA TRP A 39 -3.63 -7.24 -22.29
C TRP A 39 -2.53 -8.10 -21.67
N THR A 40 -2.52 -8.14 -20.33
CA THR A 40 -1.67 -9.04 -19.58
C THR A 40 -2.34 -9.35 -18.26
N VAL A 41 -1.82 -10.31 -17.52
CA VAL A 41 -2.35 -10.58 -16.18
C VAL A 41 -1.94 -9.42 -15.28
N ARG A 42 -2.93 -8.64 -14.86
CA ARG A 42 -2.67 -7.35 -14.24
C ARG A 42 -2.89 -7.38 -12.74
N LEU A 43 -1.88 -7.82 -12.00
CA LEU A 43 -1.93 -7.80 -10.54
C LEU A 43 -2.08 -6.36 -10.07
N GLY A 44 -3.09 -6.10 -9.25
CA GLY A 44 -3.37 -4.76 -8.79
C GLY A 44 -2.35 -4.25 -7.77
N GLY A 45 -2.43 -2.95 -7.47
CA GLY A 45 -1.59 -2.35 -6.45
C GLY A 45 -0.10 -2.44 -6.72
N ASN A 46 0.69 -2.17 -5.69
CA ASN A 46 2.15 -2.26 -5.79
C ASN A 46 2.69 -3.46 -5.02
N ASP A 47 2.22 -3.63 -3.79
CA ASP A 47 2.60 -4.76 -2.95
C ASP A 47 2.48 -6.14 -3.63
N PRO A 48 1.34 -6.44 -4.29
CA PRO A 48 1.22 -7.79 -4.86
C PRO A 48 2.24 -8.08 -5.96
N TRP A 49 2.83 -7.04 -6.55
CA TRP A 49 3.85 -7.24 -7.56
C TRP A 49 5.16 -7.74 -6.96
N TYR A 50 5.40 -7.42 -5.70
CA TYR A 50 6.62 -7.85 -5.04
C TYR A 50 6.59 -9.35 -4.74
N TYR A 51 5.40 -9.88 -4.46
CA TYR A 51 5.26 -11.32 -4.26
C TYR A 51 5.54 -12.05 -5.57
N TYR A 52 5.09 -11.47 -6.67
CA TYR A 52 5.37 -11.99 -8.01
C TYR A 52 6.87 -12.10 -8.23
N ARG A 53 7.64 -11.31 -7.48
CA ARG A 53 9.08 -11.41 -7.48
C ARG A 53 9.52 -12.50 -6.50
N LEU A 54 8.95 -12.47 -5.30
CA LEU A 54 9.33 -13.41 -4.25
C LEU A 54 8.93 -14.84 -4.55
N ILE A 55 7.73 -15.03 -5.11
CA ILE A 55 7.26 -16.36 -5.49
C ILE A 55 8.09 -16.91 -6.66
N GLU A 56 8.25 -16.10 -7.70
CA GLU A 56 9.00 -16.51 -8.89
C GLU A 56 10.42 -16.95 -8.53
N ASN A 57 11.02 -16.25 -7.57
CA ASN A 57 12.34 -16.61 -7.08
C ASN A 57 12.31 -17.90 -6.28
N THR A 58 11.42 -17.94 -5.29
CA THR A 58 11.30 -19.09 -4.39
C THR A 58 10.90 -20.36 -5.15
N ILE A 59 10.20 -20.18 -6.26
CA ILE A 59 9.88 -21.29 -7.15
C ILE A 59 11.18 -21.89 -7.69
N HIS A 60 12.07 -21.03 -8.17
CA HIS A 60 13.32 -21.46 -8.79
C HIS A 60 14.24 -22.15 -7.80
N ASN A 61 14.19 -21.72 -6.55
CA ASN A 61 15.08 -22.26 -5.52
C ASN A 61 14.33 -22.96 -4.39
N PHE A 62 13.26 -23.65 -4.74
CA PHE A 62 12.46 -24.39 -3.76
C PHE A 62 13.31 -25.47 -3.11
N PRO A 63 13.15 -25.72 -1.80
CA PRO A 63 12.19 -25.06 -0.90
C PRO A 63 12.84 -23.95 -0.09
N HIS A 64 13.71 -23.17 -0.71
CA HIS A 64 14.38 -22.08 0.00
C HIS A 64 13.96 -20.73 -0.56
N ARG A 65 13.67 -19.78 0.32
CA ARG A 65 13.33 -18.42 -0.11
C ARG A 65 14.38 -17.41 0.35
N ILE A 66 14.48 -16.30 -0.38
CA ILE A 66 15.40 -15.23 -0.03
C ILE A 66 14.89 -14.46 1.19
N TRP A 67 15.76 -13.65 1.77
CA TRP A 67 15.38 -12.82 2.91
C TRP A 67 16.08 -11.47 2.85
N PHE A 68 16.65 -11.17 1.69
CA PHE A 68 17.24 -9.87 1.40
C PHE A 68 17.26 -9.68 -0.10
N ASP A 69 16.77 -8.53 -0.55
CA ASP A 69 16.67 -8.28 -1.99
C ASP A 69 17.53 -7.10 -2.41
N PRO A 70 18.74 -7.40 -2.91
CA PRO A 70 19.67 -6.38 -3.39
C PRO A 70 19.26 -5.86 -4.77
N PHE A 71 18.16 -6.39 -5.30
CA PHE A 71 17.65 -5.95 -6.59
C PHE A 71 16.95 -4.61 -6.45
N THR A 72 16.30 -4.38 -5.31
CA THR A 72 15.63 -3.12 -5.04
C THR A 72 16.43 -2.31 -4.04
N TYR A 73 16.04 -1.05 -3.81
CA TYR A 73 16.78 -0.14 -2.94
C TYR A 73 18.23 -0.04 -3.40
N TYR A 74 18.42 0.32 -4.67
CA TYR A 74 19.75 0.40 -5.26
C TYR A 74 20.50 1.61 -4.75
N PRO A 75 21.79 1.44 -4.42
CA PRO A 75 22.50 0.15 -4.48
C PRO A 75 22.77 -0.43 -3.09
N TYR A 76 21.76 -0.50 -2.24
CA TYR A 76 21.95 -1.02 -0.89
C TYR A 76 21.24 -2.35 -0.67
N GLY A 77 20.03 -2.47 -1.21
CA GLY A 77 19.22 -3.65 -1.02
C GLY A 77 18.48 -3.61 0.30
N SER A 78 17.21 -4.00 0.29
CA SER A 78 16.41 -3.99 1.50
C SER A 78 15.98 -5.40 1.90
N TYR A 79 15.87 -5.62 3.21
CA TYR A 79 15.40 -6.90 3.72
C TYR A 79 13.93 -7.10 3.37
N THR A 80 13.52 -8.36 3.28
CA THR A 80 12.13 -8.69 2.98
C THR A 80 11.38 -9.06 4.25
N HIS A 81 10.30 -8.35 4.53
CA HIS A 81 9.47 -8.66 5.69
C HIS A 81 8.21 -9.41 5.26
N PHE A 82 8.06 -9.60 3.95
CA PHE A 82 6.93 -10.35 3.42
C PHE A 82 7.01 -11.80 3.87
N GLY A 83 6.00 -12.24 4.62
CA GLY A 83 5.99 -13.55 5.24
C GLY A 83 6.18 -14.73 4.32
N PRO A 84 6.67 -15.85 4.88
CA PRO A 84 6.92 -17.09 4.14
C PRO A 84 5.63 -17.81 3.76
N PHE A 85 4.54 -17.56 4.47
CA PHE A 85 3.27 -18.25 4.23
C PHE A 85 2.80 -18.09 2.79
N LEU A 86 2.55 -16.85 2.38
CA LEU A 86 2.05 -16.57 1.04
C LEU A 86 3.11 -16.93 -0.01
N VAL A 87 4.36 -16.60 0.28
CA VAL A 87 5.46 -16.86 -0.64
C VAL A 87 5.55 -18.33 -1.03
N TYR A 88 5.55 -19.21 -0.04
CA TYR A 88 5.55 -20.65 -0.28
C TYR A 88 4.25 -21.10 -0.93
N LEU A 89 3.12 -20.70 -0.35
CA LEU A 89 1.81 -21.04 -0.87
C LEU A 89 1.65 -20.63 -2.33
N GLY A 90 2.03 -19.39 -2.63
CA GLY A 90 1.96 -18.89 -3.99
C GLY A 90 2.88 -19.68 -4.91
N SER A 91 3.99 -20.17 -4.36
CA SER A 91 4.93 -20.97 -5.11
C SER A 91 4.45 -22.42 -5.23
N ILE A 92 3.86 -22.92 -4.15
CA ILE A 92 3.26 -24.26 -4.15
C ILE A 92 2.19 -24.35 -5.24
N ALA A 93 1.30 -23.36 -5.27
CA ALA A 93 0.27 -23.28 -6.29
C ALA A 93 0.88 -23.08 -7.67
N GLY A 94 2.03 -22.40 -7.70
CA GLY A 94 2.71 -22.13 -8.95
C GLY A 94 3.24 -23.38 -9.64
N ILE A 95 3.97 -24.20 -8.89
CA ILE A 95 4.57 -25.41 -9.45
C ILE A 95 3.53 -26.48 -9.79
N ILE A 96 2.51 -26.61 -8.95
CA ILE A 96 1.44 -27.56 -9.16
C ILE A 96 0.70 -27.29 -10.47
N PHE A 97 0.46 -26.01 -10.75
CA PHE A 97 -0.22 -25.61 -11.96
C PHE A 97 0.72 -25.47 -13.14
N SER A 98 1.95 -25.96 -12.96
CA SER A 98 2.95 -26.03 -14.03
C SER A 98 3.24 -24.69 -14.69
N ALA A 99 3.22 -23.63 -13.89
CA ALA A 99 3.55 -22.30 -14.37
C ALA A 99 4.50 -21.63 -13.38
N THR A 100 5.67 -21.22 -13.86
CA THR A 100 6.74 -20.80 -12.96
C THR A 100 7.19 -19.35 -13.14
N SER A 101 6.57 -18.63 -14.07
CA SER A 101 6.97 -17.25 -14.36
C SER A 101 5.98 -16.51 -15.25
N GLY A 102 6.24 -15.21 -15.44
CA GLY A 102 5.49 -14.39 -16.37
C GLY A 102 3.98 -14.36 -16.18
N GLU A 103 3.26 -14.14 -17.27
CA GLU A 103 1.80 -14.05 -17.24
C GLU A 103 1.15 -15.40 -16.92
N SER A 104 1.94 -16.47 -16.96
CA SER A 104 1.45 -17.80 -16.63
C SER A 104 1.42 -17.99 -15.12
N LEU A 105 2.30 -17.28 -14.43
CA LEU A 105 2.39 -17.37 -12.97
C LEU A 105 1.47 -16.35 -12.30
N ARG A 106 1.39 -15.16 -12.89
CA ARG A 106 0.53 -14.11 -12.35
C ARG A 106 -0.94 -14.54 -12.43
N ALA A 107 -1.29 -15.27 -13.48
CA ALA A 107 -2.65 -15.74 -13.67
C ALA A 107 -3.09 -16.67 -12.56
N VAL A 108 -2.14 -17.44 -12.03
CA VAL A 108 -2.41 -18.34 -10.91
C VAL A 108 -2.51 -17.55 -9.61
N LEU A 109 -1.56 -16.66 -9.37
CA LEU A 109 -1.51 -15.87 -8.15
C LEU A 109 -2.72 -14.98 -7.97
N ALA A 110 -3.31 -14.54 -9.09
CA ALA A 110 -4.46 -13.63 -9.05
C ALA A 110 -5.63 -14.22 -8.28
N PHE A 111 -5.72 -15.55 -8.27
CA PHE A 111 -6.81 -16.24 -7.60
C PHE A 111 -6.59 -16.43 -6.10
N ILE A 112 -5.32 -16.41 -5.68
CA ILE A 112 -4.98 -16.62 -4.26
C ILE A 112 -5.73 -15.72 -3.27
N PRO A 113 -5.80 -14.39 -3.53
CA PRO A 113 -6.52 -13.57 -2.54
C PRO A 113 -8.04 -13.75 -2.61
N ALA A 114 -8.57 -13.93 -3.81
CA ALA A 114 -10.01 -14.12 -4.00
C ALA A 114 -10.51 -15.34 -3.26
N ILE A 115 -9.77 -16.44 -3.38
CA ILE A 115 -10.07 -17.67 -2.66
C ILE A 115 -10.07 -17.40 -1.15
N GLY A 116 -9.07 -16.66 -0.68
CA GLY A 116 -8.97 -16.29 0.72
C GLY A 116 -10.20 -15.53 1.19
N GLY A 117 -10.72 -14.66 0.33
CA GLY A 117 -11.91 -13.89 0.66
C GLY A 117 -13.16 -14.73 0.75
N VAL A 118 -13.33 -15.65 -0.19
CA VAL A 118 -14.46 -16.57 -0.17
C VAL A 118 -14.34 -17.53 0.99
N LEU A 119 -13.11 -17.98 1.25
CA LEU A 119 -12.86 -18.93 2.32
C LEU A 119 -12.89 -18.26 3.69
N ALA A 120 -12.90 -16.93 3.70
CA ALA A 120 -12.92 -16.17 4.95
C ALA A 120 -14.27 -16.30 5.66
N ILE A 121 -15.25 -16.89 4.98
CA ILE A 121 -16.58 -17.09 5.53
C ILE A 121 -16.55 -18.06 6.72
N LEU A 122 -15.79 -19.15 6.57
CA LEU A 122 -15.72 -20.18 7.61
C LEU A 122 -15.24 -19.70 8.99
N PRO A 123 -14.06 -19.03 9.07
CA PRO A 123 -13.58 -18.66 10.40
C PRO A 123 -14.47 -17.65 11.11
N VAL A 124 -15.11 -16.77 10.34
CA VAL A 124 -16.06 -15.82 10.90
C VAL A 124 -17.27 -16.55 11.47
N TYR A 125 -17.73 -17.56 10.74
CA TYR A 125 -18.83 -18.40 11.19
C TYR A 125 -18.44 -19.13 12.48
N LEU A 126 -17.26 -19.73 12.46
CA LEU A 126 -16.74 -20.47 13.62
C LEU A 126 -16.60 -19.58 14.84
N LEU A 127 -16.02 -18.40 14.65
CA LEU A 127 -15.84 -17.44 15.74
C LEU A 127 -17.19 -16.99 16.30
N THR A 128 -18.10 -16.63 15.41
CA THR A 128 -19.40 -16.13 15.81
C THR A 128 -20.24 -17.20 16.50
N ARG A 129 -20.04 -18.45 16.10
CA ARG A 129 -20.79 -19.58 16.67
C ARG A 129 -20.36 -19.87 18.11
N GLU A 130 -19.12 -19.50 18.44
CA GLU A 130 -18.55 -19.85 19.73
C GLU A 130 -18.82 -18.85 20.84
N VAL A 131 -19.08 -17.60 20.48
CA VAL A 131 -19.40 -16.58 21.48
C VAL A 131 -20.90 -16.34 21.53
N PHE A 132 -21.59 -16.71 20.45
CA PHE A 132 -23.03 -16.51 20.33
C PHE A 132 -23.73 -17.82 20.03
N ASP A 133 -24.46 -17.87 18.92
CA ASP A 133 -25.14 -19.10 18.51
C ASP A 133 -25.16 -19.28 16.99
N LYS A 134 -25.66 -20.41 16.54
CA LYS A 134 -25.56 -20.80 15.13
C LYS A 134 -26.35 -19.92 14.17
N ARG A 135 -27.41 -19.28 14.68
CA ARG A 135 -28.24 -18.42 13.83
C ARG A 135 -27.57 -17.08 13.55
N ALA A 136 -26.78 -16.61 14.52
CA ALA A 136 -26.07 -15.35 14.36
C ALA A 136 -24.81 -15.57 13.55
N ALA A 137 -24.21 -16.75 13.71
CA ALA A 137 -23.01 -17.12 12.98
C ALA A 137 -23.25 -17.17 11.47
N VAL A 138 -24.44 -17.64 11.10
CA VAL A 138 -24.85 -17.68 9.70
C VAL A 138 -24.89 -16.30 9.07
N ILE A 139 -25.57 -15.36 9.74
CA ILE A 139 -25.67 -13.98 9.28
C ILE A 139 -24.28 -13.34 9.13
N ALA A 140 -23.44 -13.53 10.14
CA ALA A 140 -22.09 -13.00 10.13
C ALA A 140 -21.32 -13.55 8.95
N ALA A 141 -21.47 -14.85 8.72
CA ALA A 141 -20.84 -15.51 7.60
C ALA A 141 -21.33 -14.97 6.27
N PHE A 142 -22.57 -14.50 6.25
CA PHE A 142 -23.15 -13.91 5.04
C PHE A 142 -22.67 -12.49 4.82
N LEU A 143 -22.75 -11.68 5.88
CA LEU A 143 -22.35 -10.28 5.83
C LEU A 143 -20.87 -10.12 5.48
N ILE A 144 -20.06 -11.09 5.91
CA ILE A 144 -18.62 -11.06 5.65
C ILE A 144 -18.34 -11.21 4.15
N ALA A 145 -19.27 -11.81 3.42
CA ALA A 145 -19.10 -12.04 2.00
C ALA A 145 -19.36 -10.78 1.17
N ILE A 146 -20.01 -9.79 1.77
CA ILE A 146 -20.38 -8.58 1.03
C ILE A 146 -19.83 -7.28 1.64
N VAL A 147 -19.05 -7.39 2.71
CA VAL A 147 -18.46 -6.20 3.32
C VAL A 147 -17.39 -5.57 2.42
N PRO A 148 -17.57 -4.30 2.06
CA PRO A 148 -16.68 -3.58 1.15
C PRO A 148 -15.48 -2.99 1.87
N GLY A 149 -14.92 -1.91 1.34
CA GLY A 149 -13.76 -1.27 1.95
C GLY A 149 -12.45 -1.93 1.60
N GLN A 150 -11.46 -1.75 2.46
CA GLN A 150 -10.15 -2.36 2.25
C GLN A 150 -10.22 -3.89 2.28
N PHE A 151 -11.10 -4.43 3.11
CA PHE A 151 -11.24 -5.88 3.23
C PHE A 151 -11.69 -6.51 1.92
N LEU A 152 -12.48 -5.78 1.15
CA LEU A 152 -12.91 -6.25 -0.16
C LEU A 152 -11.88 -5.91 -1.22
N GLN A 153 -11.44 -4.66 -1.23
CA GLN A 153 -10.48 -4.18 -2.23
C GLN A 153 -9.14 -4.92 -2.17
N ARG A 154 -8.82 -5.47 -1.00
CA ARG A 154 -7.58 -6.20 -0.83
C ARG A 154 -7.81 -7.71 -0.71
N SER A 155 -8.96 -8.15 -1.23
CA SER A 155 -9.26 -9.57 -1.34
C SER A 155 -9.77 -9.86 -2.74
N ILE A 156 -9.86 -8.79 -3.53
CA ILE A 156 -10.29 -8.87 -4.93
C ILE A 156 -9.35 -9.74 -5.75
N LEU A 157 -9.77 -10.11 -6.95
CA LEU A 157 -8.94 -10.88 -7.86
C LEU A 157 -7.72 -10.08 -8.26
N GLY A 158 -6.55 -10.73 -8.29
CA GLY A 158 -5.34 -10.07 -8.74
C GLY A 158 -4.57 -9.35 -7.65
N PHE A 159 -5.25 -8.94 -6.59
CA PHE A 159 -4.57 -8.24 -5.50
C PHE A 159 -3.98 -9.24 -4.51
N ASN A 160 -2.86 -9.85 -4.90
CA ASN A 160 -2.20 -10.84 -4.06
C ASN A 160 -1.26 -10.22 -3.04
N ASP A 161 -1.83 -9.62 -1.99
CA ASP A 161 -1.05 -9.11 -0.88
C ASP A 161 -1.33 -9.99 0.34
N HIS A 162 -0.61 -9.72 1.43
CA HIS A 162 -0.72 -10.53 2.63
C HIS A 162 -1.82 -10.07 3.58
N HIS A 163 -2.55 -9.03 3.19
CA HIS A 163 -3.53 -8.40 4.07
C HIS A 163 -4.77 -9.26 4.36
N ILE A 164 -5.30 -9.91 3.33
CA ILE A 164 -6.49 -10.73 3.49
C ILE A 164 -6.22 -11.92 4.41
N TRP A 165 -4.98 -12.41 4.37
CA TRP A 165 -4.60 -13.57 5.17
C TRP A 165 -4.33 -13.20 6.63
N GLU A 166 -4.07 -11.93 6.88
CA GLU A 166 -3.95 -11.42 8.25
C GLU A 166 -5.26 -11.65 8.98
N ALA A 167 -6.32 -11.04 8.44
CA ALA A 167 -7.65 -11.16 9.03
C ALA A 167 -8.12 -12.61 9.10
N PHE A 168 -7.87 -13.38 8.04
CA PHE A 168 -8.27 -14.77 7.99
C PHE A 168 -7.74 -15.55 9.19
N TRP A 169 -6.42 -15.61 9.31
CA TRP A 169 -5.81 -16.37 10.38
C TRP A 169 -6.01 -15.75 11.76
N GLN A 170 -6.17 -14.43 11.80
CA GLN A 170 -6.46 -13.75 13.06
C GLN A 170 -7.81 -14.21 13.60
N VAL A 171 -8.84 -14.09 12.77
CA VAL A 171 -10.16 -14.56 13.11
C VAL A 171 -10.13 -16.06 13.34
N SER A 172 -9.32 -16.76 12.54
CA SER A 172 -9.13 -18.20 12.72
C SER A 172 -8.51 -18.48 14.07
N ALA A 173 -7.58 -17.64 14.49
CA ALA A 173 -6.92 -17.81 15.79
C ALA A 173 -7.90 -17.65 16.94
N LEU A 174 -8.59 -16.51 16.98
CA LEU A 174 -9.56 -16.22 18.04
C LEU A 174 -10.65 -17.29 18.12
N GLY A 175 -11.18 -17.66 16.96
CA GLY A 175 -12.23 -18.68 16.91
C GLY A 175 -11.76 -20.03 17.42
N THR A 176 -10.69 -20.54 16.82
CA THR A 176 -10.12 -21.82 17.23
C THR A 176 -9.73 -21.83 18.70
N PHE A 177 -9.25 -20.69 19.20
CA PHE A 177 -8.89 -20.58 20.61
C PHE A 177 -10.11 -20.72 21.50
N LEU A 178 -11.12 -19.89 21.23
CA LEU A 178 -12.36 -19.93 21.99
C LEU A 178 -13.06 -21.28 21.83
N LEU A 179 -12.84 -21.93 20.69
CA LEU A 179 -13.32 -23.29 20.47
C LEU A 179 -12.63 -24.22 21.46
N ALA A 180 -11.32 -24.06 21.57
CA ALA A 180 -10.52 -24.89 22.48
C ALA A 180 -10.94 -24.70 23.93
N TYR A 181 -11.23 -23.47 24.33
CA TYR A 181 -11.71 -23.19 25.68
C TYR A 181 -13.06 -23.86 25.92
N ASN A 182 -13.96 -23.73 24.95
CA ASN A 182 -15.30 -24.28 25.06
C ASN A 182 -15.34 -25.81 25.17
N ARG A 183 -14.50 -26.48 24.39
CA ARG A 183 -14.48 -27.95 24.40
C ARG A 183 -13.81 -28.49 25.66
N TRP A 184 -12.91 -27.70 26.25
CA TRP A 184 -12.26 -28.08 27.50
C TRP A 184 -13.07 -27.64 28.72
N LYS A 185 -13.86 -26.59 28.54
CA LYS A 185 -14.58 -25.95 29.63
C LYS A 185 -15.39 -26.94 30.47
N GLY A 186 -14.99 -27.10 31.73
CA GLY A 186 -15.68 -28.00 32.63
C GLY A 186 -14.98 -29.33 32.78
N HIS A 187 -14.64 -29.94 31.65
CA HIS A 187 -13.96 -31.23 31.65
C HIS A 187 -12.60 -31.10 32.34
N ASP A 188 -12.47 -31.71 33.50
CA ASP A 188 -11.21 -31.64 34.25
C ASP A 188 -10.28 -32.79 33.90
N LEU A 189 -8.99 -32.59 34.19
CA LEU A 189 -7.97 -33.62 33.97
C LEU A 189 -8.31 -34.89 34.74
N SER A 190 -7.99 -36.05 34.17
CA SER A 190 -7.33 -36.13 32.87
C SER A 190 -8.26 -36.57 31.74
N HIS A 191 -9.35 -35.85 31.56
CA HIS A 191 -10.20 -36.03 30.37
C HIS A 191 -9.57 -35.26 29.23
N ASN A 192 -9.02 -34.10 29.56
CA ASN A 192 -8.28 -33.28 28.62
C ASN A 192 -6.80 -33.37 28.94
N LEU A 193 -5.93 -33.33 27.92
CA LEU A 193 -6.35 -33.23 26.53
C LEU A 193 -6.68 -34.59 25.95
N THR A 194 -5.78 -35.55 26.16
CA THR A 194 -5.97 -36.93 25.72
C THR A 194 -6.31 -37.06 24.24
N ALA A 195 -5.34 -36.74 23.38
CA ALA A 195 -5.48 -36.88 21.93
C ALA A 195 -6.66 -36.11 21.34
N ARG A 196 -7.87 -36.59 21.59
CA ARG A 196 -9.08 -36.01 21.03
C ARG A 196 -9.23 -34.52 21.29
N GLN A 197 -9.12 -34.14 22.56
CA GLN A 197 -9.30 -32.75 22.95
C GLN A 197 -7.98 -31.97 22.97
N MET A 198 -6.96 -32.55 22.32
CA MET A 198 -5.69 -31.87 22.17
C MET A 198 -5.66 -31.16 20.81
N ALA A 199 -6.50 -31.62 19.90
CA ALA A 199 -6.57 -31.04 18.57
C ALA A 199 -7.00 -29.57 18.64
N TYR A 200 -7.98 -29.27 19.48
CA TYR A 200 -8.48 -27.90 19.61
C TYR A 200 -7.42 -26.87 20.02
N PRO A 201 -6.66 -27.13 21.10
CA PRO A 201 -5.61 -26.16 21.39
C PRO A 201 -4.47 -26.20 20.37
N VAL A 202 -4.13 -27.39 19.88
CA VAL A 202 -3.09 -27.51 18.85
C VAL A 202 -3.45 -26.73 17.58
N ILE A 203 -4.65 -26.94 17.07
CA ILE A 203 -5.13 -26.21 15.91
C ILE A 203 -5.05 -24.71 16.14
N ALA A 204 -5.49 -24.27 17.32
CA ALA A 204 -5.39 -22.87 17.71
C ALA A 204 -3.94 -22.40 17.65
N GLY A 205 -3.02 -23.26 18.07
CA GLY A 205 -1.60 -22.96 17.99
C GLY A 205 -1.14 -22.82 16.55
N ILE A 206 -1.58 -23.75 15.71
CA ILE A 206 -1.23 -23.72 14.29
C ILE A 206 -1.76 -22.44 13.64
N THR A 207 -2.96 -22.02 14.02
CA THR A 207 -3.56 -20.81 13.48
C THR A 207 -2.75 -19.57 13.82
N ILE A 208 -2.37 -19.42 15.09
CA ILE A 208 -1.58 -18.28 15.54
C ILE A 208 -0.22 -18.23 14.85
N GLY A 209 0.47 -19.36 14.85
CA GLY A 209 1.76 -19.46 14.18
C GLY A 209 1.65 -19.08 12.72
N LEU A 210 0.57 -19.52 12.07
CA LEU A 210 0.31 -19.20 10.67
C LEU A 210 0.09 -17.71 10.47
N TYR A 211 -0.59 -17.07 11.41
CA TYR A 211 -0.82 -15.63 11.37
C TYR A 211 0.50 -14.89 11.32
N VAL A 212 1.36 -15.15 12.30
CA VAL A 212 2.67 -14.52 12.38
C VAL A 212 3.55 -14.93 11.20
N LEU A 213 3.35 -16.14 10.70
CA LEU A 213 4.10 -16.64 9.55
C LEU A 213 3.65 -15.96 8.26
N SER A 214 2.75 -15.00 8.37
CA SER A 214 2.25 -14.26 7.22
C SER A 214 2.39 -12.76 7.44
N TRP A 215 2.44 -12.35 8.71
CA TRP A 215 2.59 -10.95 9.06
C TRP A 215 3.45 -10.81 10.32
N GLY A 216 4.56 -10.09 10.20
CA GLY A 216 5.51 -9.95 11.29
C GLY A 216 4.93 -9.43 12.59
N ALA A 217 4.03 -8.47 12.47
CA ALA A 217 3.38 -7.90 13.65
C ALA A 217 2.22 -8.77 14.11
N GLY A 218 2.13 -9.98 13.55
CA GLY A 218 1.10 -10.92 13.92
C GLY A 218 1.21 -11.35 15.38
N PHE A 219 2.38 -11.12 15.98
CA PHE A 219 2.60 -11.45 17.38
C PHE A 219 1.70 -10.65 18.30
N ILE A 220 1.06 -9.61 17.76
CA ILE A 220 0.17 -8.75 18.53
C ILE A 220 -1.07 -9.52 18.98
N ILE A 221 -1.29 -10.70 18.40
CA ILE A 221 -2.39 -11.56 18.81
C ILE A 221 -2.10 -12.14 20.19
N ALA A 222 -0.83 -12.28 20.52
CA ALA A 222 -0.43 -12.86 21.81
C ALA A 222 -0.87 -12.05 23.04
N PRO A 223 -0.55 -10.74 23.07
CA PRO A 223 -1.01 -10.00 24.27
C PRO A 223 -2.53 -9.87 24.32
N ILE A 224 -3.18 -9.83 23.16
CA ILE A 224 -4.64 -9.78 23.10
C ILE A 224 -5.25 -10.98 23.82
N ILE A 225 -4.72 -12.16 23.55
CA ILE A 225 -5.17 -13.37 24.22
C ILE A 225 -4.77 -13.34 25.70
N LEU A 226 -3.61 -12.75 25.98
CA LEU A 226 -3.18 -12.53 27.36
C LEU A 226 -4.13 -11.55 28.03
N ALA A 227 -4.56 -10.55 27.27
CA ALA A 227 -5.50 -9.56 27.78
C ALA A 227 -6.83 -10.21 28.15
N PHE A 228 -7.20 -11.26 27.43
CA PHE A 228 -8.41 -12.03 27.75
C PHE A 228 -8.30 -12.60 29.15
N MET A 229 -7.29 -13.43 29.35
CA MET A 229 -7.03 -14.09 30.63
C MET A 229 -6.88 -13.07 31.77
N PHE A 230 -6.23 -11.95 31.47
CA PHE A 230 -5.99 -10.92 32.48
C PHE A 230 -7.29 -10.49 33.14
N PHE A 231 -8.24 -10.04 32.33
CA PHE A 231 -9.54 -9.62 32.83
C PHE A 231 -10.33 -10.81 33.37
N ALA A 232 -10.05 -12.00 32.85
CA ALA A 232 -10.72 -13.20 33.33
C ALA A 232 -10.35 -13.50 34.78
N PHE A 233 -9.12 -13.15 35.16
CA PHE A 233 -8.62 -13.37 36.51
C PHE A 233 -9.01 -12.25 37.46
N VAL A 234 -8.70 -11.01 37.09
CA VAL A 234 -8.93 -9.86 37.97
C VAL A 234 -10.42 -9.63 38.24
N LEU A 235 -11.26 -10.27 37.44
CA LEU A 235 -12.71 -10.15 37.61
C LEU A 235 -13.32 -11.49 37.98
N ALA A 236 -12.54 -12.30 38.70
CA ALA A 236 -12.96 -13.65 39.09
C ALA A 236 -14.28 -13.66 39.85
N GLY A 237 -14.56 -12.60 40.60
CA GLY A 237 -15.80 -12.50 41.34
C GLY A 237 -16.88 -11.79 40.54
N PHE A 238 -16.53 -11.34 39.34
CA PHE A 238 -17.46 -10.63 38.48
C PHE A 238 -17.76 -11.41 37.21
N VAL A 239 -16.84 -12.31 36.86
CA VAL A 239 -16.98 -13.12 35.65
C VAL A 239 -16.59 -14.57 35.91
N ASN A 240 -17.46 -15.50 35.54
CA ASN A 240 -17.18 -16.92 35.72
C ASN A 240 -16.50 -17.55 34.51
N ALA A 241 -15.45 -18.34 34.77
CA ALA A 241 -14.72 -19.04 33.71
C ALA A 241 -13.84 -20.14 34.30
N ASP A 242 -13.54 -21.14 33.48
CA ASP A 242 -12.63 -22.20 33.90
C ASP A 242 -11.20 -21.76 33.62
N ARG A 243 -10.64 -20.98 34.55
CA ARG A 243 -9.32 -20.40 34.40
C ARG A 243 -8.23 -21.47 34.33
N LYS A 244 -8.48 -22.60 34.96
CA LYS A 244 -7.59 -23.75 34.87
C LYS A 244 -7.47 -24.17 33.41
N ASN A 245 -8.61 -24.44 32.79
CA ASN A 245 -8.66 -24.84 31.38
C ASN A 245 -8.30 -23.69 30.44
N LEU A 246 -8.67 -22.47 30.82
CA LEU A 246 -8.33 -21.28 30.04
C LEU A 246 -6.81 -21.16 29.95
N SER A 247 -6.14 -21.29 31.08
CA SER A 247 -4.68 -21.22 31.12
C SER A 247 -4.06 -22.39 30.37
N LEU A 248 -4.65 -23.57 30.53
CA LEU A 248 -4.11 -24.78 29.93
C LEU A 248 -4.17 -24.79 28.41
N VAL A 249 -5.26 -24.25 27.85
CA VAL A 249 -5.36 -24.17 26.39
C VAL A 249 -4.51 -23.03 25.86
N ALA A 250 -4.20 -22.07 26.74
CA ALA A 250 -3.38 -20.94 26.36
C ALA A 250 -1.91 -21.34 26.23
N VAL A 251 -1.40 -22.03 27.25
CA VAL A 251 -0.01 -22.46 27.26
C VAL A 251 0.32 -23.43 26.13
N VAL A 252 -0.62 -24.32 25.82
CA VAL A 252 -0.45 -25.23 24.70
C VAL A 252 -0.40 -24.48 23.37
N THR A 253 -1.38 -23.59 23.19
CA THR A 253 -1.53 -22.80 21.97
C THR A 253 -0.26 -22.03 21.61
N PHE A 254 0.18 -21.16 22.52
CA PHE A 254 1.37 -20.34 22.31
C PHE A 254 2.61 -21.19 22.04
N ALA A 255 2.76 -22.27 22.79
CA ALA A 255 3.89 -23.17 22.62
C ALA A 255 3.97 -23.73 21.20
N VAL A 256 2.88 -24.33 20.75
CA VAL A 256 2.81 -24.89 19.40
C VAL A 256 3.13 -23.84 18.34
N SER A 257 2.49 -22.68 18.45
CA SER A 257 2.72 -21.58 17.53
C SER A 257 4.20 -21.17 17.54
N ALA A 258 4.76 -21.00 18.73
CA ALA A 258 6.16 -20.69 18.88
C ALA A 258 7.04 -21.78 18.25
N LEU A 259 6.60 -23.03 18.42
CA LEU A 259 7.29 -24.17 17.84
C LEU A 259 7.22 -24.11 16.31
N ILE A 260 6.11 -23.58 15.81
CA ILE A 260 5.88 -23.47 14.37
C ILE A 260 6.60 -22.26 13.77
N TYR A 261 6.63 -21.16 14.52
CA TYR A 261 7.32 -19.96 14.07
C TYR A 261 8.83 -20.11 14.13
N LEU A 262 9.29 -21.01 15.02
CA LEU A 262 10.72 -21.22 15.26
C LEU A 262 11.62 -21.37 14.02
N PRO A 263 11.25 -22.25 13.07
CA PRO A 263 12.16 -22.44 11.93
C PRO A 263 12.27 -21.22 11.00
N PHE A 264 11.45 -20.20 11.23
CA PHE A 264 11.48 -18.99 10.43
C PHE A 264 11.93 -17.79 11.26
N ALA A 265 12.44 -18.06 12.46
CA ALA A 265 12.66 -17.01 13.44
C ALA A 265 14.04 -16.34 13.42
N PHE A 266 14.91 -16.74 12.51
CA PHE A 266 16.25 -16.15 12.48
C PHE A 266 16.63 -15.64 11.10
N ASN A 267 15.73 -14.86 10.50
CA ASN A 267 15.97 -14.31 9.17
C ASN A 267 16.26 -12.81 9.20
N TYR A 268 16.54 -12.29 10.38
CA TYR A 268 16.89 -10.87 10.52
C TYR A 268 17.89 -10.61 11.63
N PRO A 269 18.99 -9.95 11.29
CA PRO A 269 20.07 -9.60 12.22
C PRO A 269 19.61 -8.60 13.27
N GLY A 270 19.06 -9.10 14.38
CA GLY A 270 18.57 -8.24 15.44
C GLY A 270 17.08 -8.45 15.68
N PHE A 271 16.52 -7.68 16.61
CA PHE A 271 15.10 -7.80 16.93
C PHE A 271 14.29 -6.80 16.10
N SER A 272 13.07 -7.20 15.73
CA SER A 272 12.18 -6.32 14.99
C SER A 272 10.73 -6.80 15.09
N THR A 273 9.80 -5.87 14.94
CA THR A 273 8.38 -6.19 14.99
C THR A 273 7.81 -6.41 13.59
N ILE A 274 8.62 -6.10 12.59
CA ILE A 274 8.20 -6.21 11.20
C ILE A 274 8.89 -7.37 10.49
N PHE A 275 10.21 -7.45 10.64
CA PHE A 275 10.99 -8.49 9.99
C PHE A 275 11.06 -9.75 10.83
N TYR A 276 11.27 -10.89 10.19
CA TYR A 276 11.25 -12.18 10.89
C TYR A 276 12.48 -12.39 11.76
N SER A 277 12.35 -11.96 13.01
CA SER A 277 13.44 -11.96 13.98
C SER A 277 13.09 -12.90 15.12
N PRO A 278 14.07 -13.20 15.99
CA PRO A 278 13.73 -14.01 17.16
C PRO A 278 12.92 -13.23 18.20
N PHE A 279 12.60 -11.97 17.90
CA PHE A 279 11.74 -11.18 18.79
C PHE A 279 10.35 -11.79 18.91
N GLN A 280 9.72 -12.05 17.77
CA GLN A 280 8.39 -12.65 17.75
C GLN A 280 8.42 -14.00 18.46
N LEU A 281 9.49 -14.76 18.23
CA LEU A 281 9.68 -16.05 18.87
C LEU A 281 9.69 -15.91 20.38
N LEU A 282 10.20 -14.79 20.85
CA LEU A 282 10.23 -14.49 22.29
C LEU A 282 8.84 -14.18 22.82
N VAL A 283 8.07 -13.40 22.06
CA VAL A 283 6.73 -12.99 22.48
C VAL A 283 5.82 -14.20 22.69
N LEU A 284 5.85 -15.13 21.74
CA LEU A 284 5.04 -16.34 21.84
C LEU A 284 5.50 -17.21 23.00
N LEU A 285 6.78 -17.58 22.99
CA LEU A 285 7.37 -18.39 24.05
C LEU A 285 7.18 -17.75 25.42
N GLY A 286 7.34 -16.44 25.50
CA GLY A 286 7.13 -15.72 26.73
C GLY A 286 5.69 -15.85 27.20
N SER A 287 4.75 -15.45 26.35
CA SER A 287 3.33 -15.51 26.67
C SER A 287 2.90 -16.92 27.06
N ALA A 288 3.55 -17.94 26.49
CA ALA A 288 3.28 -19.32 26.86
C ALA A 288 3.58 -19.54 28.34
N VAL A 289 4.73 -19.05 28.79
CA VAL A 289 5.11 -19.10 30.19
C VAL A 289 4.17 -18.21 31.02
N ILE A 290 3.87 -17.03 30.48
CA ILE A 290 2.93 -16.11 31.12
C ILE A 290 1.58 -16.80 31.29
N ALA A 291 1.17 -17.55 30.27
CA ALA A 291 -0.04 -18.34 30.34
C ALA A 291 0.09 -19.40 31.42
N ALA A 292 1.17 -20.17 31.36
CA ALA A 292 1.43 -21.21 32.35
C ALA A 292 1.53 -20.62 33.76
N ALA A 293 1.90 -19.35 33.84
CA ALA A 293 1.94 -18.66 35.12
C ALA A 293 0.53 -18.51 35.69
N PHE A 294 -0.42 -18.13 34.84
CA PHE A 294 -1.81 -17.98 35.23
C PHE A 294 -2.39 -19.27 35.82
N TYR A 295 -1.89 -20.41 35.32
CA TYR A 295 -2.32 -21.72 35.81
C TYR A 295 -2.08 -21.89 37.30
N GLN A 296 -0.82 -21.76 37.70
CA GLN A 296 -0.42 -21.98 39.09
C GLN A 296 -1.13 -21.03 40.06
N ILE A 297 -1.36 -19.80 39.61
CA ILE A 297 -2.06 -18.80 40.40
C ILE A 297 -3.48 -19.26 40.71
N GLU A 298 -4.15 -19.80 39.69
CA GLU A 298 -5.51 -20.30 39.85
C GLU A 298 -5.54 -21.55 40.73
N LYS A 299 -4.64 -22.49 40.46
CA LYS A 299 -4.58 -23.72 41.26
C LYS A 299 -4.25 -23.40 42.71
N TRP A 300 -3.51 -22.32 42.92
CA TRP A 300 -3.25 -21.81 44.25
C TRP A 300 -4.53 -21.25 44.87
N ASN A 301 -5.34 -20.60 44.05
CA ASN A 301 -6.60 -20.02 44.51
C ASN A 301 -7.63 -21.08 44.88
N ASP A 302 -7.49 -22.27 44.30
CA ASP A 302 -8.38 -23.38 44.60
C ASP A 302 -8.35 -23.74 46.08
N VAL A 303 -7.15 -23.90 46.62
CA VAL A 303 -7.00 -24.29 48.02
C VAL A 303 -6.97 -23.08 48.97
N GLY A 304 -7.52 -21.96 48.51
CA GLY A 304 -7.65 -20.76 49.32
C GLY A 304 -6.34 -20.20 49.86
N PHE A 305 -5.37 -20.00 48.97
CA PHE A 305 -4.10 -19.40 49.35
C PHE A 305 -4.34 -17.95 49.74
N PHE A 306 -5.06 -17.23 48.89
CA PHE A 306 -5.33 -15.81 49.10
C PHE A 306 -6.40 -15.62 50.16
N GLU A 307 -7.02 -16.72 50.59
CA GLU A 307 -7.99 -16.68 51.67
C GLU A 307 -7.31 -16.93 53.01
N ARG A 308 -6.26 -17.75 52.98
CA ARG A 308 -5.50 -18.07 54.17
C ARG A 308 -4.64 -16.89 54.61
N VAL A 309 -3.90 -16.33 53.66
CA VAL A 309 -2.99 -15.22 53.97
C VAL A 309 -3.76 -13.91 54.17
N GLY A 310 -5.08 -13.99 54.18
CA GLY A 310 -5.92 -12.83 54.46
C GLY A 310 -5.88 -11.77 53.39
N LEU A 311 -6.38 -12.09 52.20
CA LEU A 311 -6.47 -11.11 51.13
C LEU A 311 -7.94 -10.86 50.76
N GLY A 312 -8.76 -11.88 50.93
CA GLY A 312 -10.19 -11.76 50.69
C GLY A 312 -10.58 -11.94 49.24
N ARG A 313 -11.69 -11.31 48.86
CA ARG A 313 -12.21 -11.40 47.50
C ARG A 313 -11.23 -10.84 46.49
N LYS A 314 -10.45 -9.86 46.93
CA LYS A 314 -9.51 -9.17 46.05
C LYS A 314 -8.10 -9.75 46.15
N GLY A 315 -8.03 -11.06 46.41
CA GLY A 315 -6.74 -11.73 46.52
C GLY A 315 -6.08 -11.96 45.17
N MET A 316 -6.66 -12.88 44.39
CA MET A 316 -6.18 -13.18 43.05
C MET A 316 -6.12 -11.98 42.08
N PRO A 317 -7.13 -11.09 42.12
CA PRO A 317 -7.03 -9.87 41.29
C PRO A 317 -5.73 -9.10 41.50
N LEU A 318 -5.53 -8.56 42.71
CA LEU A 318 -4.33 -7.80 43.03
C LEU A 318 -3.06 -8.64 42.88
N ALA A 319 -3.19 -9.95 43.01
CA ALA A 319 -2.08 -10.85 42.77
C ALA A 319 -1.62 -10.74 41.32
N VAL A 320 -2.56 -10.95 40.40
CA VAL A 320 -2.28 -10.87 38.96
C VAL A 320 -1.72 -9.51 38.54
N ILE A 321 -2.28 -8.44 39.10
CA ILE A 321 -1.83 -7.08 38.83
C ILE A 321 -0.31 -6.97 38.99
N VAL A 322 0.17 -7.31 40.18
CA VAL A 322 1.59 -7.33 40.47
C VAL A 322 2.33 -8.29 39.56
N LEU A 323 1.82 -9.52 39.46
CA LEU A 323 2.42 -10.55 38.63
C LEU A 323 2.43 -10.16 37.15
N THR A 324 1.62 -9.16 36.79
CA THR A 324 1.65 -8.62 35.44
C THR A 324 2.31 -7.24 35.47
N ALA A 325 2.41 -6.65 36.65
CA ALA A 325 3.23 -5.45 36.83
C ALA A 325 4.68 -5.87 36.74
N LEU A 326 4.98 -7.02 37.32
CA LEU A 326 6.29 -7.66 37.15
C LEU A 326 6.29 -8.39 35.82
N ILE A 327 7.24 -9.30 35.63
CA ILE A 327 7.38 -10.06 34.39
C ILE A 327 7.43 -9.13 33.18
N MET A 328 6.28 -8.56 32.82
CA MET A 328 6.20 -7.55 31.79
C MET A 328 6.55 -6.19 32.39
N GLY A 329 7.40 -6.20 33.42
CA GLY A 329 7.96 -5.02 34.02
C GLY A 329 9.44 -5.20 34.18
N LEU A 330 9.85 -6.45 34.42
CA LEU A 330 11.26 -6.81 34.48
C LEU A 330 11.78 -7.08 33.08
N PHE A 331 10.89 -6.99 32.09
CA PHE A 331 11.28 -7.16 30.71
C PHE A 331 12.15 -6.00 30.24
N PHE A 332 12.14 -4.93 31.03
CA PHE A 332 12.91 -3.73 30.72
C PHE A 332 14.36 -3.88 31.17
N VAL A 333 14.67 -4.99 31.83
CA VAL A 333 16.03 -5.25 32.29
C VAL A 333 16.93 -5.71 31.15
N ILE A 334 16.79 -6.97 30.75
CA ILE A 334 17.61 -7.53 29.67
C ILE A 334 16.78 -8.51 28.84
N SER A 335 16.73 -8.29 27.52
CA SER A 335 17.47 -7.21 26.88
C SER A 335 16.60 -6.36 25.96
N PRO A 336 16.41 -5.09 26.32
CA PRO A 336 15.74 -4.12 25.45
C PRO A 336 16.74 -3.34 24.60
N ASP A 337 16.62 -3.25 23.27
CA ASP A 337 15.68 -3.97 22.37
C ASP A 337 14.25 -4.34 22.78
N PHE A 338 14.07 -5.60 23.17
CA PHE A 338 12.76 -6.21 23.43
C PHE A 338 11.70 -5.28 24.03
N ALA A 339 11.98 -4.70 25.19
CA ALA A 339 11.04 -3.81 25.85
C ALA A 339 10.73 -2.60 24.99
N ARG A 340 11.76 -2.07 24.32
CA ARG A 340 11.61 -0.90 23.46
C ARG A 340 10.82 -1.26 22.20
N ASN A 341 10.76 -2.55 21.88
CA ASN A 341 10.02 -3.03 20.72
C ASN A 341 8.55 -3.27 21.02
N LEU A 342 8.26 -3.87 22.17
CA LEU A 342 6.88 -4.08 22.59
C LEU A 342 6.20 -2.74 22.81
N LEU A 343 6.95 -1.82 23.41
CA LEU A 343 6.48 -0.46 23.63
C LEU A 343 6.22 0.28 22.33
N SER A 344 7.00 -0.04 21.31
CA SER A 344 6.91 0.63 20.01
C SER A 344 5.53 0.51 19.38
N VAL A 345 4.86 -0.61 19.63
CA VAL A 345 3.49 -0.79 19.18
C VAL A 345 2.54 0.07 20.01
N VAL A 346 2.71 0.02 21.33
CA VAL A 346 1.90 0.81 22.25
C VAL A 346 2.11 2.30 22.04
N ARG A 347 3.32 2.77 22.34
CA ARG A 347 3.63 4.19 22.19
C ARG A 347 3.56 4.63 20.74
N VAL A 348 2.34 4.90 20.28
CA VAL A 348 2.12 5.37 18.91
C VAL A 348 2.82 6.72 18.72
N VAL A 349 4.00 6.66 18.13
CA VAL A 349 4.85 7.85 17.99
C VAL A 349 4.42 8.79 16.87
N GLN A 350 3.16 9.22 16.94
CA GLN A 350 2.64 10.26 16.08
C GLN A 350 2.78 11.59 16.85
N PRO A 351 2.54 12.74 16.20
CA PRO A 351 2.07 13.05 14.83
C PRO A 351 3.14 12.84 13.76
N LYS A 352 2.71 12.38 12.60
CA LYS A 352 3.57 12.32 11.44
C LYS A 352 3.48 13.63 10.67
N GLY A 353 4.62 14.22 10.34
CA GLY A 353 5.91 13.61 10.65
C GLY A 353 7.08 14.57 10.53
N GLY A 354 7.46 14.90 9.30
CA GLY A 354 6.79 14.41 8.10
C GLY A 354 6.64 15.54 7.11
N ALA A 355 6.85 15.32 5.81
CA ALA A 355 7.15 14.05 5.11
C ALA A 355 6.05 12.97 5.07
N LEU A 356 4.96 13.20 5.79
CA LEU A 356 3.80 12.33 5.72
C LEU A 356 2.55 13.20 5.63
N THR A 357 1.77 13.21 4.53
CA THR A 357 1.76 12.32 3.34
C THR A 357 3.01 11.55 2.86
N ILE A 358 2.98 10.21 2.85
CA ILE A 358 1.92 9.29 3.31
C ILE A 358 0.52 9.35 2.65
N ALA A 359 -0.36 8.43 3.05
CA ALA A 359 -1.75 8.43 2.63
C ALA A 359 -2.58 7.66 3.66
N GLU A 360 -1.95 6.65 4.27
CA GLU A 360 -2.63 5.74 5.18
C GLU A 360 -2.76 6.27 6.60
N VAL A 361 -1.65 6.78 7.15
CA VAL A 361 -1.57 7.12 8.57
C VAL A 361 -2.62 8.11 9.07
N TYR A 362 -3.24 8.84 8.14
CA TYR A 362 -4.31 9.76 8.50
C TYR A 362 -5.44 9.02 9.19
N PRO A 363 -5.89 9.52 10.34
CA PRO A 363 -6.82 8.79 11.21
C PRO A 363 -8.19 8.61 10.58
N PHE A 364 -8.81 7.46 10.85
CA PHE A 364 -10.19 7.22 10.49
C PHE A 364 -11.03 8.19 11.30
N PHE A 365 -12.26 8.44 10.85
CA PHE A 365 -13.19 9.35 11.53
C PHE A 365 -12.70 10.79 11.62
N PHE A 366 -11.72 11.16 10.82
CA PHE A 366 -11.19 12.52 10.90
C PHE A 366 -10.74 13.14 9.58
N THR A 367 -11.61 13.10 8.57
CA THR A 367 -11.42 13.77 7.30
C THR A 367 -9.98 13.67 6.78
N HIS A 368 -9.34 14.82 6.64
CA HIS A 368 -7.93 14.91 6.31
C HIS A 368 -7.32 16.08 7.05
N ASN A 369 -8.14 17.10 7.30
CA ASN A 369 -7.69 18.33 7.93
C ASN A 369 -8.83 19.27 8.30
N GLY A 370 -9.50 19.04 9.42
CA GLY A 370 -9.23 17.91 10.30
C GLY A 370 -10.45 17.66 11.17
N GLU A 371 -11.62 17.76 10.54
CA GLU A 371 -12.90 17.65 11.24
C GLU A 371 -13.25 16.19 11.51
N PHE A 372 -14.40 15.98 12.13
CA PHE A 372 -14.88 14.63 12.44
C PHE A 372 -15.97 14.21 11.46
N THR A 373 -15.88 12.98 10.96
CA THR A 373 -16.90 12.45 10.05
C THR A 373 -16.95 10.92 10.04
N LEU A 374 -18.09 10.37 9.63
CA LEU A 374 -18.25 8.92 9.58
C LEU A 374 -18.26 8.43 8.13
N THR A 375 -17.96 9.34 7.20
CA THR A 375 -17.93 9.00 5.78
C THR A 375 -16.97 7.86 5.48
N ASN A 376 -15.84 7.83 6.19
CA ASN A 376 -14.88 6.75 6.05
C ASN A 376 -15.48 5.42 6.46
N ALA A 377 -16.24 5.42 7.55
CA ALA A 377 -16.88 4.21 8.05
C ALA A 377 -17.94 3.69 7.08
N VAL A 378 -18.62 4.62 6.41
CA VAL A 378 -19.63 4.25 5.42
C VAL A 378 -19.01 3.61 4.19
N LEU A 379 -18.06 4.32 3.58
CA LEU A 379 -17.41 3.87 2.35
C LEU A 379 -16.66 2.55 2.53
N HIS A 380 -16.27 2.25 3.77
CA HIS A 380 -15.47 1.06 4.03
C HIS A 380 -16.27 -0.11 4.60
N PHE A 381 -17.36 0.17 5.30
CA PHE A 381 -18.12 -0.90 5.95
C PHE A 381 -19.60 -0.89 5.59
N GLY A 382 -20.00 0.06 4.75
CA GLY A 382 -21.40 0.17 4.36
C GLY A 382 -22.31 0.44 5.54
N ALA A 383 -23.35 -0.37 5.66
CA ALA A 383 -24.27 -0.25 6.78
C ALA A 383 -23.82 -1.09 7.95
N LEU A 384 -22.82 -1.94 7.72
CA LEU A 384 -22.36 -2.89 8.72
C LEU A 384 -21.59 -2.24 9.88
N PHE A 385 -21.16 -0.99 9.70
CA PHE A 385 -20.48 -0.29 10.79
C PHE A 385 -21.47 0.18 11.84
N PHE A 386 -22.60 0.70 11.38
CA PHE A 386 -23.60 1.25 12.29
C PHE A 386 -24.41 0.14 12.96
N PHE A 387 -24.67 -0.94 12.22
CA PHE A 387 -25.26 -2.13 12.82
C PHE A 387 -24.23 -2.81 13.70
N GLY A 388 -22.95 -2.68 13.33
CA GLY A 388 -21.86 -3.25 14.10
C GLY A 388 -21.69 -2.59 15.46
N MET A 389 -21.60 -1.26 15.47
CA MET A 389 -21.44 -0.51 16.70
C MET A 389 -22.65 -0.72 17.61
N ALA A 390 -23.84 -0.63 17.02
CA ALA A 390 -25.07 -0.88 17.77
C ALA A 390 -25.09 -2.31 18.28
N GLY A 391 -24.52 -3.22 17.50
CA GLY A 391 -24.43 -4.61 17.92
C GLY A 391 -23.48 -4.79 19.09
N ILE A 392 -22.45 -3.94 19.15
CA ILE A 392 -21.49 -3.99 20.24
C ILE A 392 -22.08 -3.44 21.53
N LEU A 393 -22.75 -2.30 21.43
CA LEU A 393 -23.33 -1.64 22.61
C LEU A 393 -24.36 -2.54 23.29
N TYR A 394 -24.98 -3.43 22.51
CA TYR A 394 -25.89 -4.41 23.06
C TYR A 394 -25.11 -5.54 23.73
N SER A 395 -24.02 -5.96 23.07
CA SER A 395 -23.17 -7.02 23.60
C SER A 395 -22.44 -6.57 24.85
N ALA A 396 -22.34 -5.25 25.03
CA ALA A 396 -21.74 -4.69 26.23
C ALA A 396 -22.78 -4.53 27.33
N TYR A 397 -23.89 -5.24 27.19
CA TYR A 397 -24.94 -5.27 28.20
C TYR A 397 -25.27 -6.71 28.54
N ARG A 398 -25.28 -7.55 27.51
CA ARG A 398 -25.40 -9.00 27.69
C ARG A 398 -24.29 -9.48 28.61
N PHE A 399 -23.15 -8.79 28.54
CA PHE A 399 -22.03 -9.09 29.41
C PHE A 399 -22.19 -8.44 30.78
N LEU A 400 -22.90 -7.31 30.82
CA LEU A 400 -23.14 -6.65 32.10
C LEU A 400 -24.29 -7.30 32.85
N LYS A 401 -24.96 -8.24 32.19
CA LYS A 401 -26.13 -8.90 32.77
C LYS A 401 -25.88 -10.40 32.98
N ARG A 402 -25.48 -11.09 31.92
CA ARG A 402 -25.23 -12.53 31.99
C ARG A 402 -23.80 -12.81 32.41
N ARG A 403 -22.95 -11.79 32.31
CA ARG A 403 -21.51 -11.90 32.52
C ARG A 403 -20.87 -13.21 32.04
N SER A 404 -20.80 -13.35 30.72
CA SER A 404 -20.16 -14.49 30.08
C SER A 404 -18.73 -14.14 29.73
N PHE A 405 -17.84 -15.14 29.74
CA PHE A 405 -16.44 -14.89 29.41
C PHE A 405 -16.17 -14.66 27.92
N PRO A 406 -16.57 -15.61 27.04
CA PRO A 406 -16.21 -15.44 25.63
C PRO A 406 -16.82 -14.19 24.99
N GLU A 407 -17.92 -13.68 25.56
CA GLU A 407 -18.50 -12.46 25.06
C GLU A 407 -17.62 -11.27 25.44
N MET A 408 -16.97 -11.35 26.60
CA MET A 408 -16.04 -10.33 27.04
C MET A 408 -14.80 -10.31 26.16
N ALA A 409 -14.26 -11.50 25.90
CA ALA A 409 -13.06 -11.63 25.09
C ALA A 409 -13.28 -11.08 23.68
N LEU A 410 -14.47 -11.31 23.13
CA LEU A 410 -14.81 -10.78 21.82
C LEU A 410 -14.88 -9.26 21.88
N LEU A 411 -15.36 -8.73 23.00
CA LEU A 411 -15.42 -7.29 23.21
C LEU A 411 -14.03 -6.68 23.23
N ILE A 412 -13.13 -7.27 24.02
CA ILE A 412 -11.74 -6.83 24.09
C ILE A 412 -11.11 -6.79 22.71
N TRP A 413 -11.27 -7.88 21.96
CA TRP A 413 -10.79 -7.96 20.59
C TRP A 413 -11.38 -6.84 19.75
N ALA A 414 -12.68 -6.59 19.94
CA ALA A 414 -13.35 -5.52 19.22
C ALA A 414 -12.83 -4.14 19.63
N ILE A 415 -12.55 -3.97 20.93
CA ILE A 415 -12.00 -2.73 21.45
C ILE A 415 -10.66 -2.41 20.78
N ALA A 416 -9.75 -3.38 20.79
CA ALA A 416 -8.41 -3.20 20.25
C ALA A 416 -8.40 -2.82 18.78
N MET A 417 -9.15 -3.56 17.97
CA MET A 417 -9.21 -3.30 16.53
C MET A 417 -9.77 -1.91 16.24
N PHE A 418 -10.68 -1.44 17.09
CA PHE A 418 -11.21 -0.10 16.93
C PHE A 418 -10.17 0.95 17.29
N ILE A 419 -9.41 0.69 18.35
CA ILE A 419 -8.31 1.57 18.74
C ILE A 419 -7.34 1.71 17.58
N ALA A 420 -6.97 0.58 16.99
CA ALA A 420 -6.07 0.55 15.84
C ALA A 420 -6.72 1.23 14.63
N LEU A 421 -8.04 1.10 14.52
CA LEU A 421 -8.79 1.75 13.46
C LEU A 421 -8.82 3.25 13.67
N TRP A 422 -8.98 3.66 14.92
CA TRP A 422 -9.06 5.08 15.26
C TRP A 422 -7.77 5.82 14.95
N GLY A 423 -6.64 5.13 15.10
CA GLY A 423 -5.35 5.74 14.92
C GLY A 423 -5.03 6.07 13.47
N GLN A 424 -5.27 5.12 12.57
CA GLN A 424 -4.93 5.31 11.16
C GLN A 424 -5.81 4.52 10.20
N ASN A 425 -6.15 5.15 9.08
CA ASN A 425 -6.94 4.55 8.00
C ASN A 425 -6.39 3.21 7.55
N ARG A 426 -5.08 3.03 7.71
CA ARG A 426 -4.36 1.85 7.26
C ARG A 426 -4.98 0.51 7.69
N PHE A 427 -5.63 0.50 8.86
CA PHE A 427 -6.11 -0.75 9.44
C PHE A 427 -7.63 -0.93 9.42
N ALA A 428 -8.26 -0.55 8.31
CA ALA A 428 -9.69 -0.75 8.16
C ALA A 428 -10.02 -2.23 8.07
N TYR A 429 -9.17 -2.98 7.36
CA TYR A 429 -9.42 -4.38 7.06
C TYR A 429 -9.45 -5.31 8.28
N TYR A 430 -9.05 -4.79 9.44
CA TYR A 430 -9.12 -5.56 10.68
C TYR A 430 -10.47 -5.36 11.35
N PHE A 431 -11.19 -4.33 10.95
CA PHE A 431 -12.46 -4.00 11.59
C PHE A 431 -13.67 -4.50 10.79
N ALA A 432 -13.41 -5.01 9.60
CA ALA A 432 -14.48 -5.54 8.76
C ALA A 432 -15.17 -6.73 9.43
N ALA A 433 -14.39 -7.69 9.88
CA ALA A 433 -14.92 -8.86 10.57
C ALA A 433 -15.64 -8.47 11.86
N VAL A 434 -15.12 -7.44 12.53
CA VAL A 434 -15.74 -6.93 13.75
C VAL A 434 -17.13 -6.38 13.43
N SER A 435 -17.21 -5.59 12.37
CA SER A 435 -18.48 -5.01 11.94
C SER A 435 -19.43 -6.08 11.43
N ALA A 436 -18.89 -7.11 10.78
CA ALA A 436 -19.70 -8.20 10.25
C ALA A 436 -20.27 -9.07 11.37
N VAL A 437 -19.41 -9.47 12.30
CA VAL A 437 -19.82 -10.33 13.41
C VAL A 437 -20.87 -9.67 14.31
N TYR A 438 -20.58 -8.44 14.75
CA TYR A 438 -21.47 -7.74 15.67
C TYR A 438 -22.77 -7.26 15.03
N SER A 439 -22.77 -7.05 13.72
CA SER A 439 -23.99 -6.69 13.01
C SER A 439 -24.94 -7.88 12.98
N ALA A 440 -24.36 -9.07 12.85
CA ALA A 440 -25.14 -10.30 12.87
C ALA A 440 -25.85 -10.43 14.21
N LEU A 441 -25.11 -10.23 15.29
CA LEU A 441 -25.65 -10.28 16.64
C LEU A 441 -26.77 -9.24 16.78
N ALA A 442 -26.57 -8.08 16.19
CA ALA A 442 -27.60 -7.04 16.19
C ALA A 442 -28.84 -7.54 15.47
N LEU A 443 -28.66 -8.01 14.24
CA LEU A 443 -29.77 -8.51 13.44
C LEU A 443 -30.41 -9.77 14.03
N SER A 444 -29.60 -10.63 14.63
CA SER A 444 -30.10 -11.86 15.24
C SER A 444 -31.12 -11.59 16.35
N VAL A 445 -30.93 -10.49 17.07
CA VAL A 445 -31.89 -10.05 18.08
C VAL A 445 -33.12 -9.47 17.40
N VAL A 446 -32.90 -8.58 16.44
CA VAL A 446 -33.97 -7.99 15.66
C VAL A 446 -34.85 -9.06 15.03
N PHE A 447 -34.22 -10.12 14.52
CA PHE A 447 -34.96 -11.21 13.91
C PHE A 447 -35.76 -12.01 14.93
N ASP A 448 -35.17 -12.28 16.09
CA ASP A 448 -35.84 -13.07 17.11
C ASP A 448 -37.04 -12.35 17.73
N LYS A 449 -36.85 -11.09 18.08
CA LYS A 449 -37.88 -10.33 18.79
C LYS A 449 -38.91 -9.68 17.88
N LEU A 450 -38.59 -9.59 16.59
CA LEU A 450 -39.59 -9.23 15.59
C LEU A 450 -40.03 -10.49 14.87
N HIS A 451 -39.96 -11.61 15.61
CA HIS A 451 -40.46 -12.90 15.16
C HIS A 451 -39.63 -13.55 14.04
N LEU A 452 -39.94 -13.23 12.78
CA LEU A 452 -39.20 -13.75 11.61
C LEU A 452 -38.86 -15.24 11.64
N TYR A 453 -38.06 -15.65 12.63
CA TYR A 453 -37.75 -17.06 12.85
C TYR A 453 -39.06 -17.83 12.94
N ARG A 454 -40.05 -17.18 13.53
CA ARG A 454 -41.45 -17.47 13.24
C ARG A 454 -41.88 -16.27 12.39
N ALA A 455 -42.18 -16.43 11.10
CA ALA A 455 -42.46 -17.70 10.40
C ALA A 455 -41.37 -18.77 10.35
N LEU A 456 -40.46 -18.66 9.37
CA LEU A 456 -39.39 -19.65 9.11
C LEU A 456 -39.59 -21.04 9.72
N GLU A 457 -39.56 -21.13 11.05
CA GLU A 457 -39.90 -22.35 11.75
C GLU A 457 -41.32 -22.77 11.37
N ASN A 458 -42.29 -21.90 11.67
CA ASN A 458 -43.68 -22.20 11.39
C ASN A 458 -44.09 -21.88 9.96
N ALA A 459 -43.13 -21.41 9.16
CA ALA A 459 -43.35 -21.29 7.73
C ALA A 459 -43.29 -22.68 7.14
N ILE A 460 -42.20 -23.38 7.44
CA ILE A 460 -42.03 -24.77 7.03
C ILE A 460 -41.48 -25.59 8.19
N GLY A 461 -42.37 -26.19 8.98
CA GLY A 461 -43.80 -26.08 8.78
C GLY A 461 -44.58 -26.33 10.06
N ALA A 462 -44.53 -25.37 10.98
CA ALA A 462 -45.23 -25.49 12.26
C ALA A 462 -46.30 -24.41 12.40
N ARG A 463 -46.71 -24.15 13.64
CA ARG A 463 -47.68 -23.11 13.93
C ARG A 463 -47.30 -22.31 15.18
N ASN A 464 -46.77 -21.10 14.98
CA ASN A 464 -46.45 -20.21 16.09
C ASN A 464 -47.37 -19.00 16.14
N LYS A 465 -47.40 -18.34 17.29
CA LYS A 465 -48.19 -17.12 17.44
C LYS A 465 -47.34 -15.90 17.12
N LEU A 466 -47.35 -15.49 15.85
CA LEU A 466 -46.52 -14.38 15.39
C LEU A 466 -47.35 -13.26 14.81
N SER A 467 -46.68 -12.13 14.56
CA SER A 467 -47.30 -10.98 13.92
C SER A 467 -46.60 -10.72 12.60
N TYR A 468 -47.34 -10.90 11.51
CA TYR A 468 -46.80 -10.68 10.17
C TYR A 468 -46.30 -9.25 10.01
N PHE A 469 -46.89 -8.35 10.80
CA PHE A 469 -46.52 -6.95 10.77
C PHE A 469 -45.08 -6.74 11.24
N ARG A 470 -44.67 -7.49 12.26
CA ARG A 470 -43.31 -7.42 12.76
C ARG A 470 -42.33 -8.03 11.75
N VAL A 471 -42.73 -9.17 11.18
CA VAL A 471 -41.91 -9.89 10.21
C VAL A 471 -41.49 -9.00 9.05
N ALA A 472 -42.43 -8.20 8.58
CA ALA A 472 -42.16 -7.27 7.48
C ALA A 472 -41.09 -6.26 7.86
N PHE A 473 -41.21 -5.72 9.07
CA PHE A 473 -40.22 -4.76 9.57
C PHE A 473 -38.85 -5.41 9.75
N ALA A 474 -38.84 -6.64 10.24
CA ALA A 474 -37.59 -7.37 10.41
C ALA A 474 -36.91 -7.57 9.06
N LEU A 475 -37.70 -7.72 8.02
CA LEU A 475 -37.19 -7.84 6.65
C LEU A 475 -36.73 -6.48 6.14
N LEU A 476 -37.51 -5.44 6.44
CA LEU A 476 -37.17 -4.08 6.03
C LEU A 476 -35.86 -3.62 6.67
N ILE A 477 -35.62 -4.06 7.89
CA ILE A 477 -34.38 -3.73 8.60
C ILE A 477 -33.19 -4.45 7.97
N ALA A 478 -33.34 -5.74 7.71
CA ALA A 478 -32.30 -6.52 7.06
C ALA A 478 -31.92 -5.89 5.72
N LEU A 479 -32.91 -5.34 5.03
CA LEU A 479 -32.69 -4.61 3.79
C LEU A 479 -31.75 -3.44 4.03
N ALA A 480 -32.03 -2.67 5.07
CA ALA A 480 -31.23 -1.48 5.40
C ALA A 480 -29.79 -1.83 5.73
N ALA A 481 -29.55 -3.08 6.13
CA ALA A 481 -28.21 -3.52 6.50
C ALA A 481 -27.48 -4.18 5.33
N ILE A 482 -28.24 -4.67 4.36
CA ILE A 482 -27.66 -5.44 3.27
C ILE A 482 -27.53 -4.66 1.96
N TYR A 483 -28.53 -3.85 1.62
CA TYR A 483 -28.50 -3.13 0.34
C TYR A 483 -27.34 -2.15 0.15
N PRO A 484 -27.21 -1.13 1.04
CA PRO A 484 -26.16 -0.14 0.76
C PRO A 484 -24.76 -0.72 0.92
N THR A 485 -24.64 -1.77 1.71
CA THR A 485 -23.38 -2.50 1.86
C THR A 485 -22.99 -3.17 0.55
N TYR A 486 -23.91 -3.97 0.00
CA TYR A 486 -23.66 -4.66 -1.25
C TYR A 486 -23.47 -3.70 -2.42
N ILE A 487 -24.32 -2.67 -2.48
CA ILE A 487 -24.24 -1.65 -3.51
C ILE A 487 -22.85 -1.02 -3.55
N LEU A 488 -22.34 -0.67 -2.38
CA LEU A 488 -20.98 -0.16 -2.25
C LEU A 488 -19.99 -1.22 -2.71
N ALA A 489 -20.15 -2.43 -2.19
CA ALA A 489 -19.26 -3.54 -2.54
C ALA A 489 -19.25 -3.84 -4.03
N ASP A 490 -20.43 -3.92 -4.64
CA ASP A 490 -20.57 -4.22 -6.06
C ASP A 490 -19.87 -3.18 -6.92
N ALA A 491 -19.80 -1.94 -6.42
CA ALA A 491 -19.17 -0.85 -7.17
C ALA A 491 -17.67 -0.79 -6.95
N GLN A 492 -17.22 -1.26 -5.79
CA GLN A 492 -15.79 -1.22 -5.45
C GLN A 492 -15.04 -2.43 -6.02
N SER A 493 -15.77 -3.52 -6.26
CA SER A 493 -15.14 -4.74 -6.77
C SER A 493 -15.19 -4.79 -8.29
N SER A 494 -15.73 -3.74 -8.90
CA SER A 494 -15.89 -3.70 -10.35
C SER A 494 -14.65 -3.17 -11.07
N TYR A 495 -13.76 -2.51 -10.33
CA TYR A 495 -12.52 -2.00 -10.90
C TYR A 495 -11.29 -2.62 -10.24
N ALA A 496 -10.30 -2.97 -11.06
CA ALA A 496 -9.06 -3.57 -10.55
C ALA A 496 -7.89 -2.62 -10.75
N GLY A 497 -7.05 -2.49 -9.72
CA GLY A 497 -5.91 -1.60 -9.77
C GLY A 497 -4.77 -2.14 -10.59
N GLY A 498 -3.55 -1.72 -10.26
CA GLY A 498 -2.37 -2.14 -11.00
C GLY A 498 -1.89 -1.05 -11.94
N PRO A 499 -0.71 -1.25 -12.54
CA PRO A 499 -0.15 -0.27 -13.47
C PRO A 499 -0.96 -0.15 -14.74
N ASN A 500 -1.09 1.08 -15.26
CA ASN A 500 -1.79 1.28 -16.52
C ASN A 500 -0.92 0.86 -17.70
N LYS A 501 -1.54 0.72 -18.87
CA LYS A 501 -0.84 0.21 -20.05
C LYS A 501 0.31 1.11 -20.48
N GLN A 502 0.26 2.37 -20.09
CA GLN A 502 1.37 3.28 -20.34
C GLN A 502 2.59 2.86 -19.55
N TRP A 503 2.37 2.40 -18.32
CA TRP A 503 3.46 1.98 -17.45
C TRP A 503 3.98 0.58 -17.79
N TYR A 504 3.06 -0.36 -18.04
CA TYR A 504 3.46 -1.73 -18.33
C TYR A 504 4.26 -1.82 -19.63
N ASP A 505 3.73 -1.26 -20.70
CA ASP A 505 4.41 -1.26 -22.00
C ASP A 505 5.79 -0.59 -21.91
N ALA A 506 5.86 0.54 -21.21
CA ALA A 506 7.10 1.27 -21.05
C ALA A 506 8.13 0.47 -20.26
N LEU A 507 7.65 -0.30 -19.29
CA LEU A 507 8.55 -1.11 -18.46
C LEU A 507 8.95 -2.42 -19.15
N THR A 508 8.01 -3.02 -19.89
CA THR A 508 8.34 -4.19 -20.69
C THR A 508 9.34 -3.81 -21.77
N TRP A 509 9.29 -2.55 -22.19
CA TRP A 509 10.24 -2.02 -23.16
C TRP A 509 11.64 -1.95 -22.55
N MET A 510 11.75 -1.33 -21.39
CA MET A 510 13.01 -1.23 -20.66
C MET A 510 13.62 -2.61 -20.41
N ARG A 511 12.74 -3.56 -20.09
CA ARG A 511 13.12 -4.95 -19.88
C ARG A 511 13.99 -5.49 -21.02
N GLU A 512 13.55 -5.24 -22.24
CA GLU A 512 14.19 -5.80 -23.42
C GLU A 512 14.74 -4.73 -24.34
N ASN A 513 15.41 -3.74 -23.75
CA ASN A 513 16.04 -2.66 -24.50
C ASN A 513 17.14 -1.96 -23.70
N THR A 514 17.49 -2.53 -22.56
CA THR A 514 18.53 -1.97 -21.70
C THR A 514 19.68 -2.96 -21.52
N PRO A 515 20.93 -2.44 -21.46
CA PRO A 515 22.16 -3.22 -21.33
C PRO A 515 22.13 -4.26 -20.21
N ASP A 516 22.99 -5.27 -20.30
CA ASP A 516 23.02 -6.37 -19.34
C ASP A 516 21.67 -7.06 -19.17
N GLY A 517 20.87 -7.05 -20.23
CA GLY A 517 19.52 -7.58 -20.18
C GLY A 517 19.43 -9.05 -19.79
N GLU A 518 20.52 -9.78 -20.00
CA GLU A 518 20.55 -11.19 -19.69
C GLU A 518 21.13 -11.44 -18.30
N LYS A 519 21.91 -10.47 -17.81
CA LYS A 519 22.52 -10.57 -16.48
C LYS A 519 21.48 -10.44 -15.37
N TYR A 520 20.57 -9.48 -15.55
CA TYR A 520 19.53 -9.22 -14.56
C TYR A 520 18.59 -10.40 -14.39
N ASP A 521 18.14 -10.96 -15.51
CA ASP A 521 17.24 -12.11 -15.49
C ASP A 521 17.87 -13.29 -14.75
N GLU A 522 19.20 -13.34 -14.78
CA GLU A 522 19.95 -14.38 -14.09
C GLU A 522 20.12 -14.03 -12.61
N TYR A 523 20.23 -12.73 -12.33
CA TYR A 523 20.40 -12.27 -10.96
C TYR A 523 19.05 -12.15 -10.24
N TYR A 524 17.99 -12.05 -11.02
CA TYR A 524 16.64 -11.91 -10.50
C TYR A 524 16.19 -13.17 -9.76
N LEU A 525 16.89 -14.26 -10.01
CA LEU A 525 16.48 -15.56 -9.50
C LEU A 525 17.48 -16.16 -8.51
N GLN A 526 18.66 -15.55 -8.40
CA GLN A 526 19.68 -16.05 -7.50
C GLN A 526 19.27 -15.95 -6.03
N LEU A 527 19.49 -17.02 -5.27
CA LEU A 527 19.13 -17.04 -3.86
C LEU A 527 20.17 -16.26 -3.06
N TYR A 528 19.80 -15.04 -2.68
CA TYR A 528 20.72 -14.14 -2.01
C TYR A 528 20.95 -14.55 -0.56
N PRO A 529 22.21 -14.42 -0.10
CA PRO A 529 22.54 -14.63 1.31
C PRO A 529 22.05 -13.45 2.14
N THR A 530 22.15 -13.54 3.46
CA THR A 530 21.61 -12.50 4.33
C THR A 530 22.71 -11.70 5.02
N PRO A 531 23.01 -10.50 4.49
CA PRO A 531 24.05 -9.62 5.05
C PRO A 531 23.71 -9.17 6.46
N GLN A 532 24.72 -9.05 7.31
CA GLN A 532 24.54 -8.63 8.69
C GLN A 532 24.03 -7.18 8.74
N SER A 533 24.47 -6.39 7.77
CA SER A 533 24.03 -5.00 7.65
C SER A 533 23.91 -4.60 6.19
N ASN A 534 23.24 -3.49 5.94
CA ASN A 534 22.97 -3.05 4.57
C ASN A 534 23.14 -1.56 4.36
N LYS A 535 23.85 -0.89 5.26
CA LYS A 535 24.12 0.54 5.10
C LYS A 535 25.17 0.73 4.01
N GLU A 536 25.99 -0.31 3.82
CA GLU A 536 27.01 -0.30 2.78
C GLU A 536 26.41 -0.71 1.44
N PRO A 537 26.90 -0.13 0.34
CA PRO A 537 26.48 -0.55 -1.00
C PRO A 537 26.77 -2.03 -1.22
N PHE A 538 25.94 -2.70 -2.03
CA PHE A 538 26.07 -4.14 -2.20
C PHE A 538 27.14 -4.50 -3.23
N SER A 539 27.91 -5.54 -2.94
CA SER A 539 28.94 -6.03 -3.85
C SER A 539 28.33 -6.81 -5.00
N TYR A 540 28.11 -6.13 -6.11
CA TYR A 540 27.40 -6.72 -7.25
C TYR A 540 28.29 -7.56 -8.15
N PRO A 541 27.83 -8.78 -8.48
CA PRO A 541 28.52 -9.76 -9.32
C PRO A 541 28.80 -9.28 -10.74
N PHE A 542 28.27 -8.11 -11.11
CA PHE A 542 28.57 -7.51 -12.41
C PHE A 542 28.39 -6.00 -12.39
N GLU A 543 28.54 -5.37 -13.55
CA GLU A 543 28.41 -3.93 -13.66
C GLU A 543 26.95 -3.51 -13.62
N THR A 544 26.41 -3.38 -12.41
CA THR A 544 25.01 -3.02 -12.23
C THR A 544 24.78 -1.52 -12.33
N TYR A 545 23.69 -1.14 -12.98
CA TYR A 545 23.28 0.26 -13.03
C TYR A 545 21.92 0.41 -12.38
N GLY A 546 21.62 1.59 -11.87
CA GLY A 546 20.37 1.82 -11.15
C GLY A 546 19.35 2.65 -11.89
N VAL A 547 18.07 2.34 -11.66
CA VAL A 547 16.98 3.10 -12.24
C VAL A 547 16.31 3.95 -11.17
N ILE A 548 16.13 5.23 -11.45
CA ILE A 548 15.56 6.13 -10.45
C ILE A 548 14.17 6.67 -10.85
N SER A 549 13.28 6.72 -9.87
CA SER A 549 11.93 7.20 -10.06
C SER A 549 11.29 7.34 -8.67
N TRP A 550 10.06 7.82 -8.62
CA TRP A 550 9.36 7.95 -7.35
C TRP A 550 9.14 6.57 -6.73
N TRP A 551 9.20 6.50 -5.40
CA TRP A 551 9.21 5.22 -4.69
C TRP A 551 7.96 4.37 -4.89
N ASP A 552 6.89 4.98 -5.38
CA ASP A 552 5.64 4.27 -5.64
C ASP A 552 5.86 3.16 -6.67
N TYR A 553 6.71 3.43 -7.65
CA TYR A 553 6.86 2.53 -8.80
C TYR A 553 8.07 1.61 -8.68
N GLY A 554 8.61 1.50 -7.47
CA GLY A 554 9.76 0.63 -7.25
C GLY A 554 9.48 -0.82 -7.59
N HIS A 555 8.35 -1.32 -7.12
CA HIS A 555 7.97 -2.72 -7.34
C HIS A 555 7.68 -3.01 -8.82
N TRP A 556 6.99 -2.09 -9.48
CA TRP A 556 6.66 -2.25 -10.89
C TRP A 556 7.91 -2.39 -11.75
N ILE A 557 8.85 -1.47 -11.56
CA ILE A 557 10.11 -1.46 -12.30
C ILE A 557 10.87 -2.77 -12.09
N GLU A 558 10.94 -3.23 -10.84
CA GLU A 558 11.63 -4.47 -10.54
C GLU A 558 10.94 -5.69 -11.13
N ALA A 559 9.64 -5.83 -10.85
CA ALA A 559 8.89 -7.02 -11.25
C ALA A 559 8.63 -7.13 -12.74
N VAL A 560 8.42 -5.99 -13.39
CA VAL A 560 8.06 -5.96 -14.81
C VAL A 560 9.25 -5.71 -15.73
N ALA A 561 10.07 -4.71 -15.38
CA ALA A 561 11.20 -4.33 -16.23
C ALA A 561 12.48 -5.09 -15.91
N HIS A 562 12.49 -5.79 -14.77
CA HIS A 562 13.66 -6.55 -14.33
C HIS A 562 14.94 -5.72 -14.27
N ARG A 563 14.86 -4.56 -13.62
CA ARG A 563 16.04 -3.73 -13.38
C ARG A 563 16.09 -3.37 -11.91
N MET A 564 17.01 -2.48 -11.54
CA MET A 564 17.21 -2.14 -10.14
C MET A 564 16.76 -0.71 -9.84
N PRO A 565 15.71 -0.58 -9.00
CA PRO A 565 15.18 0.73 -8.61
C PRO A 565 15.94 1.32 -7.42
N ILE A 566 16.14 2.63 -7.44
CA ILE A 566 16.78 3.32 -6.32
C ILE A 566 15.84 3.29 -5.12
N ALA A 567 14.57 3.60 -5.38
CA ALA A 567 13.56 3.65 -4.32
C ALA A 567 12.44 2.63 -4.53
N ASN A 568 11.94 2.08 -3.43
CA ASN A 568 10.87 1.09 -3.47
C ASN A 568 9.66 1.53 -2.66
N PRO A 569 8.49 0.87 -2.86
CA PRO A 569 7.31 1.17 -2.04
C PRO A 569 7.47 0.83 -0.56
N PHE A 570 8.66 0.42 -0.14
CA PHE A 570 8.95 0.18 1.26
C PHE A 570 9.35 1.48 1.93
N GLN A 571 9.16 2.60 1.22
CA GLN A 571 9.57 3.92 1.67
C GLN A 571 11.06 3.97 1.98
N ALA A 572 11.86 3.35 1.11
CA ALA A 572 13.30 3.36 1.23
C ALA A 572 13.89 3.98 -0.02
N GLY A 573 14.97 4.75 0.13
CA GLY A 573 15.63 5.37 -1.00
C GLY A 573 14.96 6.64 -1.48
N ILE A 574 14.16 7.24 -0.60
CA ILE A 574 13.49 8.49 -0.93
C ILE A 574 14.46 9.65 -0.79
N GLY A 575 15.31 9.60 0.24
CA GLY A 575 16.31 10.62 0.45
C GLY A 575 15.71 11.96 0.84
N ASN A 576 16.52 13.00 0.82
CA ASN A 576 16.09 14.33 1.21
C ASN A 576 17.09 15.43 0.88
N LYS A 577 16.69 16.69 1.07
CA LYS A 577 17.57 17.82 0.83
C LYS A 577 18.03 18.47 2.14
N TYR A 578 17.22 18.33 3.18
CA TYR A 578 17.52 18.93 4.47
C TYR A 578 18.66 18.23 5.22
N ASN A 579 19.25 17.23 4.57
CA ASN A 579 20.42 16.54 5.10
C ASN A 579 21.26 15.99 3.96
N ASN A 580 20.79 16.23 2.73
CA ASN A 580 21.49 15.81 1.52
C ASN A 580 21.80 14.32 1.45
N VAL A 581 20.79 13.49 1.71
CA VAL A 581 20.89 12.06 1.48
C VAL A 581 20.42 11.79 0.05
N PRO A 582 21.29 11.16 -0.76
CA PRO A 582 20.97 10.91 -2.17
C PRO A 582 19.79 9.97 -2.31
N GLY A 583 18.69 10.49 -2.86
CA GLY A 583 17.48 9.71 -3.06
C GLY A 583 16.66 10.25 -4.20
N ALA A 584 15.44 9.73 -4.35
CA ALA A 584 14.56 10.18 -5.42
C ALA A 584 14.04 11.59 -5.17
N SER A 585 13.68 11.87 -3.92
CA SER A 585 13.16 13.18 -3.55
C SER A 585 14.21 14.27 -3.75
N SER A 586 15.43 14.00 -3.30
CA SER A 586 16.52 14.96 -3.46
C SER A 586 16.94 15.09 -4.92
N PHE A 587 16.47 14.16 -5.75
CA PHE A 587 16.83 14.15 -7.16
C PHE A 587 15.83 14.92 -8.02
N PHE A 588 14.57 14.52 -7.98
CA PHE A 588 13.54 15.14 -8.81
C PHE A 588 13.24 16.56 -8.36
N THR A 589 13.44 16.83 -7.08
CA THR A 589 13.20 18.16 -6.53
C THR A 589 14.47 18.99 -6.47
N ALA A 590 15.52 18.49 -7.13
CA ALA A 590 16.79 19.22 -7.18
C ALA A 590 16.62 20.51 -7.94
N GLU A 591 17.27 21.56 -7.45
CA GLU A 591 17.17 22.88 -8.06
C GLU A 591 17.95 22.93 -9.37
N ASN A 592 19.26 22.77 -9.29
CA ASN A 592 20.11 22.79 -10.48
C ASN A 592 20.28 21.41 -11.11
N GLU A 593 21.25 21.28 -11.99
CA GLU A 593 21.54 20.01 -12.65
C GLU A 593 22.70 19.31 -11.93
N SER A 594 23.58 20.10 -11.32
CA SER A 594 24.72 19.57 -10.60
C SER A 594 24.28 18.77 -9.37
N TYR A 595 23.33 19.32 -8.63
CA TYR A 595 22.80 18.65 -7.44
C TYR A 595 22.18 17.32 -7.83
N ALA A 596 21.44 17.32 -8.94
CA ALA A 596 20.86 16.10 -9.47
C ALA A 596 21.96 15.09 -9.78
N GLU A 597 23.05 15.59 -10.36
CA GLU A 597 24.19 14.75 -10.71
C GLU A 597 24.90 14.27 -9.45
N PHE A 598 24.95 15.11 -8.43
CA PHE A 598 25.53 14.75 -7.14
C PHE A 598 24.86 13.50 -6.58
N VAL A 599 23.53 13.51 -6.61
CA VAL A 599 22.74 12.38 -6.13
C VAL A 599 22.91 11.18 -7.06
N ALA A 600 22.83 11.44 -8.36
CA ALA A 600 22.91 10.38 -9.36
C ALA A 600 24.22 9.59 -9.30
N GLU A 601 25.34 10.29 -9.21
CA GLU A 601 26.64 9.64 -9.15
C GLU A 601 26.80 8.89 -7.83
N LYS A 602 26.09 9.35 -6.80
CA LYS A 602 26.14 8.73 -5.49
C LYS A 602 25.42 7.40 -5.49
N LEU A 603 24.57 7.18 -6.49
CA LEU A 603 23.73 5.99 -6.54
C LEU A 603 23.91 5.21 -7.84
N ASN A 604 24.91 5.59 -8.62
CA ASN A 604 25.20 4.95 -9.90
C ASN A 604 23.99 4.96 -10.82
N VAL A 605 23.20 6.03 -10.76
CA VAL A 605 22.00 6.16 -11.57
C VAL A 605 22.34 6.21 -13.06
N LYS A 606 21.64 5.39 -13.84
CA LYS A 606 21.88 5.30 -15.27
C LYS A 606 20.62 5.67 -16.04
N TYR A 607 19.48 5.17 -15.58
CA TYR A 607 18.21 5.49 -16.21
C TYR A 607 17.25 6.16 -15.23
N VAL A 608 16.43 7.08 -15.75
CA VAL A 608 15.44 7.78 -14.93
C VAL A 608 14.06 7.72 -15.57
N VAL A 609 13.08 7.26 -14.81
CA VAL A 609 11.72 7.14 -15.31
C VAL A 609 10.79 8.13 -14.62
N SER A 610 10.17 9.01 -15.42
CA SER A 610 9.23 9.99 -14.90
C SER A 610 7.85 9.77 -15.50
N ASP A 611 6.81 10.09 -14.75
CA ASP A 611 5.45 10.03 -15.27
C ASP A 611 4.68 11.33 -15.02
N ILE A 612 3.46 11.41 -15.51
CA ILE A 612 2.67 12.63 -15.42
C ILE A 612 2.18 12.89 -14.00
N GLU A 613 2.13 11.83 -13.19
CA GLU A 613 1.72 11.97 -11.80
C GLU A 613 2.82 12.69 -11.01
N MET A 614 4.06 12.32 -11.28
CA MET A 614 5.22 12.95 -10.64
C MET A 614 5.37 14.40 -11.09
N GLU A 615 4.90 14.70 -12.29
CA GLU A 615 4.97 16.05 -12.83
C GLU A 615 3.97 16.98 -12.14
N THR A 616 2.84 16.42 -11.74
CA THR A 616 1.73 17.21 -11.21
C THR A 616 1.40 16.92 -9.75
N GLY A 617 0.34 16.13 -9.54
CA GLY A 617 -0.18 15.87 -8.21
C GLY A 617 0.81 15.32 -7.21
N LYS A 618 1.62 14.35 -7.63
CA LYS A 618 2.56 13.70 -6.73
C LYS A 618 3.80 14.54 -6.45
N TYR A 619 4.02 15.60 -7.23
CA TYR A 619 5.18 16.45 -7.05
C TYR A 619 5.23 17.07 -5.66
N TYR A 620 4.09 17.55 -5.20
CA TYR A 620 3.96 18.18 -3.89
C TYR A 620 4.52 17.25 -2.81
N ALA A 621 4.17 15.97 -2.89
CA ALA A 621 4.65 14.98 -1.95
C ALA A 621 6.17 14.88 -1.98
N MET A 622 6.74 14.87 -3.19
CA MET A 622 8.19 14.79 -3.36
C MET A 622 8.88 15.98 -2.72
N ALA A 623 8.26 17.15 -2.84
CA ALA A 623 8.80 18.36 -2.24
C ALA A 623 8.82 18.25 -0.71
N VAL A 624 7.69 17.82 -0.14
CA VAL A 624 7.57 17.66 1.30
C VAL A 624 8.60 16.67 1.85
N TRP A 625 8.76 15.55 1.16
CA TRP A 625 9.75 14.55 1.53
C TRP A 625 11.16 15.15 1.49
N ALA A 626 11.44 15.89 0.42
CA ALA A 626 12.75 16.51 0.24
C ALA A 626 12.98 17.63 1.24
N GLU A 627 12.04 18.57 1.31
CA GLU A 627 12.16 19.69 2.24
C GLU A 627 12.14 19.23 3.69
N GLY A 628 11.24 18.31 4.00
CA GLY A 628 11.17 17.76 5.34
C GLY A 628 9.99 18.24 6.14
N ASP A 629 9.29 19.25 5.63
CA ASP A 629 8.13 19.80 6.31
C ASP A 629 7.26 20.61 5.35
N LEU A 630 5.95 20.50 5.51
CA LEU A 630 4.98 21.16 4.63
C LEU A 630 5.14 22.69 4.46
N PRO A 631 5.40 23.43 5.55
CA PRO A 631 5.64 24.87 5.37
C PRO A 631 6.81 25.17 4.44
N LEU A 632 7.81 24.30 4.44
CA LEU A 632 8.95 24.45 3.55
C LEU A 632 8.60 24.07 2.12
N ALA A 633 7.55 23.27 1.97
CA ALA A 633 7.13 22.81 0.64
C ALA A 633 6.21 23.82 -0.04
N GLU A 634 5.79 24.84 0.71
CA GLU A 634 4.87 25.84 0.19
C GLU A 634 5.52 26.72 -0.87
N LYS A 635 6.83 26.92 -0.79
CA LYS A 635 7.53 27.81 -1.71
C LYS A 635 7.57 27.28 -3.14
N TYR A 636 7.23 26.01 -3.33
CA TYR A 636 7.19 25.42 -4.66
C TYR A 636 5.92 25.77 -5.42
N TYR A 637 4.93 26.28 -4.70
CA TYR A 637 3.65 26.63 -5.32
C TYR A 637 3.27 28.08 -5.09
N GLY A 638 2.48 28.64 -6.01
CA GLY A 638 2.10 30.04 -5.96
C GLY A 638 0.61 30.28 -5.94
N GLY A 639 0.11 31.04 -6.91
CA GLY A 639 -1.27 31.45 -6.94
C GLY A 639 -2.21 30.52 -7.69
N TYR A 640 -3.46 30.96 -7.86
CA TYR A 640 -4.48 30.15 -8.52
C TYR A 640 -4.97 30.79 -9.82
N PHE A 641 -5.50 29.96 -10.71
CA PHE A 641 -6.16 30.45 -11.91
C PHE A 641 -7.58 30.86 -11.53
N TYR A 642 -8.12 31.84 -12.26
CA TYR A 642 -9.50 32.26 -12.02
C TYR A 642 -10.16 32.77 -13.29
N TYR A 643 -11.49 32.70 -13.34
CA TYR A 643 -12.24 33.27 -14.45
C TYR A 643 -13.37 34.16 -13.94
N SER A 644 -13.16 35.48 -14.09
CA SER A 644 -14.06 36.51 -13.58
C SER A 644 -15.48 36.36 -14.12
N PRO A 645 -16.45 37.05 -13.48
CA PRO A 645 -17.84 37.13 -13.95
C PRO A 645 -17.95 37.38 -15.45
N THR A 646 -17.04 38.18 -16.01
CA THR A 646 -17.03 38.45 -17.43
C THR A 646 -16.50 37.26 -18.22
N GLY A 647 -15.96 36.26 -17.52
CA GLY A 647 -15.39 35.10 -18.16
C GLY A 647 -14.07 35.44 -18.84
N THR A 648 -13.03 35.63 -18.05
CA THR A 648 -11.73 36.00 -18.59
C THR A 648 -10.56 35.29 -17.92
N PHE A 649 -9.55 34.98 -18.74
CA PHE A 649 -8.31 34.38 -18.27
C PHE A 649 -7.68 35.19 -17.15
N GLY A 650 -7.56 34.59 -15.97
CA GLY A 650 -7.07 35.32 -14.82
C GLY A 650 -6.11 34.58 -13.93
N TYR A 651 -5.08 35.29 -13.47
CA TYR A 651 -4.15 34.78 -12.47
C TYR A 651 -3.92 35.84 -11.41
N ALA A 652 -4.17 35.48 -10.15
CA ALA A 652 -3.97 36.41 -9.05
C ALA A 652 -2.86 35.94 -8.12
N ASN A 653 -1.87 36.80 -7.92
CA ASN A 653 -0.72 36.47 -7.08
C ASN A 653 -1.13 36.20 -5.64
N SER A 654 -2.16 36.91 -5.18
CA SER A 654 -2.69 36.73 -3.83
C SER A 654 -4.07 36.10 -3.88
N GLN A 655 -4.48 35.50 -2.77
CA GLN A 655 -5.81 34.92 -2.65
C GLN A 655 -6.83 36.02 -2.41
N TRP A 656 -6.34 37.25 -2.32
CA TRP A 656 -7.18 38.41 -2.09
C TRP A 656 -7.73 38.94 -3.42
N ASP A 657 -6.84 39.12 -4.39
CA ASP A 657 -7.16 39.77 -5.65
C ASP A 657 -8.23 39.07 -6.48
N ILE A 658 -8.63 37.88 -6.05
CA ILE A 658 -9.66 37.11 -6.75
C ILE A 658 -10.95 37.92 -6.84
N PRO A 659 -11.42 38.18 -8.07
CA PRO A 659 -12.66 38.93 -8.31
C PRO A 659 -13.84 38.23 -7.64
N LEU A 660 -14.86 39.01 -7.26
CA LEU A 660 -16.05 38.44 -6.66
C LEU A 660 -16.87 37.72 -7.73
N ASN A 661 -17.61 36.69 -7.31
CA ASN A 661 -18.40 35.84 -8.21
C ASN A 661 -17.55 35.04 -9.20
N SER A 662 -16.24 35.27 -9.20
CA SER A 662 -15.34 34.60 -10.13
C SER A 662 -15.20 33.11 -9.81
N ILE A 663 -15.30 32.29 -10.83
CA ILE A 663 -15.16 30.85 -10.67
C ILE A 663 -13.71 30.41 -10.87
N ILE A 664 -13.13 29.85 -9.80
CA ILE A 664 -11.73 29.45 -9.80
C ILE A 664 -11.54 28.05 -10.38
N ILE A 665 -10.28 27.60 -10.39
CA ILE A 665 -9.95 26.25 -10.80
C ILE A 665 -9.22 25.56 -9.65
N PRO A 666 -9.77 24.44 -9.17
CA PRO A 666 -9.20 23.71 -8.02
C PRO A 666 -7.84 23.12 -8.34
N LEU A 667 -6.84 23.98 -8.51
CA LEU A 667 -5.50 23.56 -8.89
C LEU A 667 -4.49 24.64 -8.55
N ARG A 668 -3.54 24.30 -7.67
CA ARG A 668 -2.53 25.26 -7.26
C ARG A 668 -1.44 25.38 -8.31
N ILE A 669 -1.44 26.49 -9.04
CA ILE A 669 -0.39 26.77 -10.03
C ILE A 669 0.97 26.87 -9.34
N PRO A 670 1.94 26.09 -9.84
CA PRO A 670 3.26 26.01 -9.20
C PRO A 670 4.03 27.32 -9.30
N SER A 671 5.00 27.49 -8.41
CA SER A 671 5.81 28.71 -8.40
C SER A 671 6.94 28.62 -9.41
N GLU A 672 7.76 29.65 -9.47
CA GLU A 672 8.87 29.72 -10.40
C GLU A 672 9.92 28.65 -10.09
N LEU A 673 10.15 28.42 -8.80
CA LEU A 673 11.12 27.43 -8.35
C LEU A 673 10.82 26.05 -8.92
N TYR A 674 9.54 25.71 -9.01
CA TYR A 674 9.11 24.44 -9.57
C TYR A 674 9.65 24.21 -10.98
N TYR A 675 9.52 25.23 -11.83
CA TYR A 675 9.99 25.13 -13.20
C TYR A 675 11.51 25.09 -13.26
N SER A 676 12.14 25.44 -12.14
CA SER A 676 13.58 25.34 -12.00
C SER A 676 13.93 24.12 -11.15
N THR A 677 13.16 23.04 -11.33
CA THR A 677 13.45 21.77 -10.66
C THR A 677 13.53 20.62 -11.65
N MET A 678 14.21 19.55 -11.25
CA MET A 678 14.51 18.43 -12.14
C MET A 678 13.26 17.78 -12.76
N GLU A 679 12.21 17.63 -11.95
CA GLU A 679 10.99 16.97 -12.41
C GLU A 679 10.35 17.71 -13.59
N ALA A 680 10.41 19.03 -13.57
CA ALA A 680 9.84 19.83 -14.65
C ALA A 680 10.74 19.82 -15.88
N LYS A 681 12.05 20.00 -15.65
CA LYS A 681 13.03 19.96 -16.74
C LYS A 681 12.91 18.67 -17.53
N LEU A 682 12.75 17.56 -16.80
CA LEU A 682 12.62 16.25 -17.41
C LEU A 682 11.31 16.07 -18.17
N HIS A 683 10.20 16.24 -17.48
CA HIS A 683 8.90 15.90 -18.05
C HIS A 683 8.26 17.04 -18.85
N LEU A 684 8.19 18.22 -18.26
CA LEU A 684 7.53 19.36 -18.91
C LEU A 684 8.28 19.82 -20.14
N PHE A 685 9.61 19.89 -20.03
CA PHE A 685 10.44 20.36 -21.13
C PHE A 685 10.97 19.20 -21.97
N ASP A 686 10.55 17.99 -21.61
CA ASP A 686 10.98 16.76 -22.29
C ASP A 686 12.50 16.65 -22.36
N GLY A 687 13.15 16.88 -21.22
CA GLY A 687 14.59 16.74 -21.11
C GLY A 687 15.38 17.84 -21.80
N SER A 688 14.79 19.03 -21.91
CA SER A 688 15.48 20.16 -22.50
C SER A 688 16.34 20.89 -21.47
N GLY A 689 17.25 21.73 -21.94
CA GLY A 689 18.12 22.49 -21.06
C GLY A 689 18.96 21.63 -20.14
N LEU A 690 19.23 20.40 -20.60
CA LEU A 690 19.98 19.44 -19.78
C LEU A 690 21.23 18.95 -20.50
N SER A 691 22.26 18.63 -19.74
CA SER A 691 23.55 18.25 -20.32
C SER A 691 23.73 16.75 -20.39
N HIS A 692 23.29 16.04 -19.36
CA HIS A 692 23.61 14.63 -19.21
C HIS A 692 22.42 13.69 -19.36
N TYR A 693 21.29 14.23 -19.81
CA TYR A 693 20.07 13.44 -19.88
C TYR A 693 19.39 13.50 -21.24
N ARG A 694 19.22 12.34 -21.86
CA ARG A 694 18.54 12.24 -23.15
C ARG A 694 17.33 11.32 -23.08
N MET A 695 16.27 11.70 -23.77
CA MET A 695 15.02 10.95 -23.81
C MET A 695 15.12 9.74 -24.73
N ILE A 696 14.59 8.61 -24.30
CA ILE A 696 14.73 7.36 -25.05
C ILE A 696 13.43 6.59 -25.28
N TYR A 697 12.37 6.98 -24.56
CA TYR A 697 11.06 6.33 -24.74
C TYR A 697 9.92 7.22 -24.26
N GLU A 698 8.75 7.04 -24.87
CA GLU A 698 7.56 7.77 -24.46
C GLU A 698 6.32 6.91 -24.58
N SER A 699 5.53 6.85 -23.52
CA SER A 699 4.25 6.15 -23.54
C SER A 699 3.28 6.89 -24.45
N ASP A 700 2.08 6.33 -24.63
CA ASP A 700 1.06 7.01 -25.41
C ASP A 700 0.56 8.20 -24.62
N TYR A 701 -0.16 9.09 -25.30
CA TYR A 701 -0.72 10.28 -24.64
C TYR A 701 -1.65 9.87 -23.49
N PRO A 702 -1.69 10.69 -22.42
CA PRO A 702 -2.41 10.32 -21.20
C PRO A 702 -3.90 10.09 -21.41
N ALA A 703 -4.28 8.85 -21.72
CA ALA A 703 -5.67 8.41 -21.74
C ALA A 703 -6.63 9.28 -22.55
N GLU A 704 -7.29 10.21 -21.86
CA GLU A 704 -8.33 11.04 -22.47
C GLU A 704 -7.84 11.92 -23.62
N TRP A 705 -6.59 12.37 -23.54
CA TRP A 705 -6.04 13.25 -24.57
C TRP A 705 -5.86 12.55 -25.91
N LYS A 706 -5.63 11.24 -25.86
CA LYS A 706 -5.60 10.45 -27.08
C LYS A 706 -7.01 10.40 -27.66
N SER A 707 -8.00 10.32 -26.78
CA SER A 707 -9.39 10.35 -27.19
C SER A 707 -9.80 11.77 -27.60
N TYR A 708 -9.07 12.76 -27.10
CA TYR A 708 -9.28 14.15 -27.49
C TYR A 708 -8.84 14.38 -28.93
N SER A 709 -7.65 13.87 -29.26
CA SER A 709 -7.05 14.09 -30.58
C SER A 709 -7.74 13.33 -31.70
N SER A 710 -8.92 12.78 -31.41
CA SER A 710 -9.73 12.14 -32.43
C SER A 710 -10.45 13.19 -33.26
N GLN A 711 -10.22 14.45 -32.94
CA GLN A 711 -10.87 15.56 -33.63
C GLN A 711 -10.14 16.87 -33.37
N VAL A 712 -8.92 16.77 -32.84
CA VAL A 712 -8.11 17.95 -32.53
C VAL A 712 -6.65 17.76 -32.92
N ASN A 713 -6.08 18.73 -33.63
CA ASN A 713 -4.67 18.71 -33.98
C ASN A 713 -3.82 19.09 -32.77
N LEU A 714 -2.70 18.39 -32.58
CA LEU A 714 -1.91 18.55 -31.36
C LEU A 714 -0.88 19.67 -31.39
N ASN A 715 -0.36 19.98 -32.57
CA ASN A 715 0.62 21.05 -32.69
C ASN A 715 -0.02 22.44 -32.71
N ASN A 716 -1.25 22.51 -33.20
CA ASN A 716 -1.99 23.77 -33.22
C ASN A 716 -2.32 24.23 -31.80
N GLU A 717 -1.48 25.10 -31.27
CA GLU A 717 -1.59 25.57 -29.89
C GLU A 717 -2.93 26.23 -29.58
N SER A 718 -3.48 26.93 -30.57
CA SER A 718 -4.78 27.58 -30.39
C SER A 718 -5.90 26.55 -30.27
N GLN A 719 -5.73 25.40 -30.93
CA GLN A 719 -6.74 24.35 -30.89
C GLN A 719 -6.55 23.41 -29.70
N VAL A 720 -5.42 23.53 -29.02
CA VAL A 720 -5.17 22.71 -27.84
C VAL A 720 -5.41 23.50 -26.55
N LEU A 721 -5.22 24.82 -26.62
CA LEU A 721 -5.45 25.67 -25.45
C LEU A 721 -6.94 25.87 -25.22
N GLN A 722 -7.71 25.81 -26.31
CA GLN A 722 -9.16 25.92 -26.22
C GLN A 722 -9.77 24.83 -25.36
N THR A 723 -9.65 23.58 -25.81
CA THR A 723 -10.21 22.44 -25.10
C THR A 723 -9.61 22.24 -23.71
N ALA A 724 -8.33 22.59 -23.56
CA ALA A 724 -7.67 22.49 -22.28
C ALA A 724 -8.36 23.37 -21.24
N LEU A 725 -8.51 24.65 -21.56
CA LEU A 725 -9.22 25.58 -20.70
C LEU A 725 -10.68 25.18 -20.57
N TYR A 726 -11.27 24.74 -21.68
CA TYR A 726 -12.68 24.35 -21.71
C TYR A 726 -12.99 23.24 -20.71
N GLU A 727 -12.12 22.24 -20.66
CA GLU A 727 -12.27 21.15 -19.70
C GLU A 727 -11.99 21.66 -18.29
N ALA A 728 -10.94 22.47 -18.17
CA ALA A 728 -10.48 22.96 -16.87
C ALA A 728 -11.55 23.72 -16.09
N VAL A 729 -12.51 24.32 -16.80
CA VAL A 729 -13.55 25.10 -16.16
C VAL A 729 -14.86 24.34 -16.03
N MET A 730 -15.21 23.58 -17.06
CA MET A 730 -16.44 22.78 -17.07
C MET A 730 -16.43 21.80 -15.90
N ARG A 731 -15.23 21.32 -15.56
CA ARG A 731 -15.04 20.50 -14.38
C ARG A 731 -14.98 21.37 -13.14
N ALA A 732 -14.51 22.59 -13.30
CA ALA A 732 -14.34 23.50 -12.17
C ALA A 732 -15.66 24.06 -11.65
N ARG A 733 -16.71 23.95 -12.44
CA ARG A 733 -18.05 24.30 -11.97
C ARG A 733 -18.39 23.36 -10.82
N TYR A 734 -18.06 22.09 -11.02
CA TYR A 734 -18.12 21.12 -9.95
C TYR A 734 -16.83 21.24 -9.16
N GLY A 735 -16.73 20.53 -8.03
CA GLY A 735 -15.56 20.68 -7.17
C GLY A 735 -14.33 19.92 -7.63
N VAL A 736 -14.36 19.39 -8.85
CA VAL A 736 -13.30 18.51 -9.32
C VAL A 736 -12.16 19.20 -10.06
N SER A 737 -10.95 18.69 -9.85
CA SER A 737 -9.75 19.17 -10.53
C SER A 737 -9.71 18.59 -11.94
N PRO A 738 -9.05 19.29 -12.88
CA PRO A 738 -9.00 18.81 -14.26
C PRO A 738 -8.15 17.55 -14.40
N THR A 739 -8.26 16.88 -15.53
CA THR A 739 -7.47 15.67 -15.81
C THR A 739 -5.97 15.99 -15.78
N MET A 740 -5.17 15.01 -15.36
CA MET A 740 -3.72 15.19 -15.25
C MET A 740 -3.09 15.61 -16.57
N GLY A 741 -3.63 15.10 -17.67
CA GLY A 741 -3.18 15.50 -18.99
C GLY A 741 -3.39 16.98 -19.20
N THR A 742 -4.56 17.47 -18.79
CA THR A 742 -4.89 18.89 -18.91
C THR A 742 -4.11 19.70 -17.87
N GLN A 743 -3.78 19.07 -16.76
CA GLN A 743 -2.98 19.71 -15.72
C GLN A 743 -1.61 20.09 -16.26
N GLU A 744 -1.11 19.31 -17.20
CA GLU A 744 0.20 19.56 -17.81
C GLU A 744 0.16 20.77 -18.72
N VAL A 745 -0.88 20.87 -19.54
CA VAL A 745 -1.04 21.97 -20.49
C VAL A 745 -1.04 23.33 -19.79
N LEU A 746 -1.76 23.41 -18.68
CA LEU A 746 -1.85 24.65 -17.93
C LEU A 746 -0.52 25.04 -17.29
N TYR A 747 0.19 24.04 -16.75
CA TYR A 747 1.51 24.25 -16.20
C TYR A 747 2.44 24.84 -17.26
N LYS A 748 2.29 24.35 -18.49
CA LYS A 748 3.01 24.90 -19.63
C LYS A 748 2.53 26.32 -19.91
N TYR A 749 1.21 26.48 -19.98
CA TYR A 749 0.58 27.76 -20.28
C TYR A 749 0.99 28.84 -19.27
N ALA A 750 0.93 28.50 -17.99
CA ALA A 750 1.32 29.42 -16.94
C ALA A 750 2.78 29.84 -17.07
N TYR A 751 3.65 28.85 -17.29
CA TYR A 751 5.08 29.08 -17.45
C TYR A 751 5.38 30.13 -18.52
N THR A 752 4.81 29.93 -19.70
CA THR A 752 5.02 30.84 -20.82
C THR A 752 4.57 32.26 -20.49
N GLN A 753 3.35 32.38 -19.99
CA GLN A 753 2.76 33.68 -19.72
C GLN A 753 3.32 34.37 -18.48
N LEU A 754 4.09 33.62 -17.69
CA LEU A 754 4.63 34.16 -16.45
C LEU A 754 6.14 34.02 -16.31
N TYR A 755 6.55 32.91 -15.70
CA TYR A 755 7.92 32.75 -15.20
C TYR A 755 8.98 32.59 -16.30
N GLU A 756 8.54 32.33 -17.52
CA GLU A 756 9.48 32.31 -18.65
C GLU A 756 10.01 33.72 -18.88
N LYS A 757 11.33 33.85 -18.94
CA LYS A 757 11.95 35.14 -19.19
C LYS A 757 11.75 35.54 -20.65
N LYS A 758 12.59 36.43 -21.15
CA LYS A 758 12.55 36.79 -22.56
C LYS A 758 12.76 35.54 -23.42
N MET A 759 13.63 34.66 -22.94
CA MET A 759 13.78 33.33 -23.53
C MET A 759 14.52 32.38 -22.60
N GLY A 760 13.99 32.20 -21.39
CA GLY A 760 14.54 31.24 -20.46
C GLY A 760 14.06 29.84 -20.79
N ILE A 761 14.97 29.04 -21.34
CA ILE A 761 14.69 27.68 -21.85
C ILE A 761 13.23 27.43 -22.22
N PRO A 762 12.78 28.02 -23.34
CA PRO A 762 11.37 28.00 -23.75
C PRO A 762 10.84 26.60 -24.00
N VAL A 763 9.52 26.50 -24.16
CA VAL A 763 8.87 25.22 -24.36
C VAL A 763 7.58 25.41 -25.17
N LYS A 764 7.05 24.32 -25.71
CA LYS A 764 5.82 24.37 -26.49
C LYS A 764 4.61 24.19 -25.57
N ILE A 765 3.42 24.33 -26.13
CA ILE A 765 2.19 24.11 -25.37
C ILE A 765 1.41 22.94 -25.95
N ALA A 766 1.66 21.75 -25.43
CA ALA A 766 1.05 20.52 -25.95
C ALA A 766 1.18 19.38 -24.95
N PRO A 767 0.23 18.42 -24.99
CA PRO A 767 0.30 17.25 -24.11
C PRO A 767 1.43 16.31 -24.52
N SER A 768 1.99 15.59 -23.55
CA SER A 768 3.12 14.70 -23.81
C SER A 768 2.75 13.25 -23.54
N GLY A 769 3.74 12.47 -23.13
CA GLY A 769 3.50 11.07 -22.80
C GLY A 769 3.25 10.88 -21.32
N TYR A 770 2.47 9.85 -20.98
CA TYR A 770 2.17 9.56 -19.59
C TYR A 770 3.44 9.17 -18.85
N VAL A 771 4.25 8.32 -19.48
CA VAL A 771 5.51 7.88 -18.88
C VAL A 771 6.68 8.15 -19.82
N LYS A 772 7.74 8.73 -19.27
CA LYS A 772 8.95 9.01 -20.05
C LYS A 772 10.17 8.39 -19.39
N ILE A 773 11.13 7.97 -20.21
CA ILE A 773 12.37 7.40 -19.72
C ILE A 773 13.58 8.13 -20.30
N PHE A 774 14.52 8.50 -19.44
CA PHE A 774 15.74 9.15 -19.90
C PHE A 774 16.96 8.35 -19.50
N GLU A 775 18.00 8.40 -20.31
CA GLU A 775 19.26 7.74 -20.00
C GLU A 775 20.28 8.78 -19.54
N ARG A 776 20.90 8.53 -18.39
CA ARG A 776 21.98 9.39 -17.95
C ARG A 776 23.22 9.11 -18.79
N VAL A 777 23.84 10.17 -19.29
CA VAL A 777 24.96 10.01 -20.22
C VAL A 777 26.05 11.03 -19.90
N LYS A 778 27.29 10.71 -20.26
CA LYS A 778 28.39 11.64 -20.08
C LYS A 778 28.15 12.88 -20.93
N GLY A 779 27.89 12.66 -22.21
CA GLY A 779 27.62 13.76 -23.13
C GLY A 779 28.85 14.20 -23.89
N ALA A 780 28.70 14.39 -25.20
CA ALA A 780 29.81 14.83 -26.03
C ALA A 780 30.17 16.29 -25.77
N VAL A 781 31.33 16.50 -25.15
CA VAL A 781 31.81 17.85 -24.86
C VAL A 781 32.21 18.55 -26.16
N VAL A 782 31.63 19.72 -26.41
CA VAL A 782 31.94 20.49 -27.60
C VAL A 782 32.50 21.87 -27.24
N THR A 783 33.81 22.03 -27.38
CA THR A 783 34.46 23.29 -27.05
C THR A 783 35.16 23.89 -28.28
N GLY A 784 35.71 25.09 -28.10
CA GLY A 784 36.40 25.77 -29.18
C GLY A 784 36.29 27.28 -29.07
N LYS A 785 37.17 27.99 -29.77
CA LYS A 785 37.21 29.44 -29.69
C LYS A 785 36.00 30.07 -30.37
N VAL A 786 35.46 31.12 -29.77
CA VAL A 786 34.29 31.81 -30.30
C VAL A 786 34.70 32.78 -31.42
N SER A 787 33.78 33.67 -31.79
CA SER A 787 34.11 34.78 -32.67
C SER A 787 34.25 36.03 -31.82
N ALA A 788 35.39 36.14 -31.13
CA ALA A 788 35.63 37.21 -30.17
C ALA A 788 35.37 38.60 -30.74
N ASN A 789 34.50 39.36 -30.08
CA ASN A 789 33.85 38.88 -28.86
C ASN A 789 32.36 38.57 -29.06
N VAL A 790 31.87 37.59 -28.30
CA VAL A 790 30.46 37.24 -28.31
C VAL A 790 30.11 36.69 -26.92
N THR A 791 28.84 36.80 -26.54
CA THR A 791 28.43 36.50 -25.17
C THR A 791 27.89 35.10 -24.93
N GLU A 792 27.20 34.53 -25.93
CA GLU A 792 26.53 33.25 -25.72
C GLU A 792 26.60 32.31 -26.91
N VAL A 793 26.51 31.01 -26.63
CA VAL A 793 26.45 29.99 -27.67
C VAL A 793 25.21 29.15 -27.45
N SER A 794 24.19 29.37 -28.29
CA SER A 794 22.91 28.69 -28.12
C SER A 794 22.75 27.53 -29.10
N VAL A 795 22.72 26.31 -28.58
CA VAL A 795 22.58 25.12 -29.40
C VAL A 795 21.17 24.53 -29.28
N ASN A 796 20.54 24.29 -30.43
CA ASN A 796 19.19 23.72 -30.48
C ASN A 796 19.07 22.61 -31.51
N ALA A 797 18.05 21.78 -31.36
CA ALA A 797 17.79 20.68 -32.30
C ALA A 797 16.37 20.14 -32.15
N THR A 798 15.78 19.73 -33.27
CA THR A 798 14.45 19.14 -33.25
C THR A 798 14.54 17.66 -32.88
N ILE A 799 13.66 17.22 -31.99
CA ILE A 799 13.69 15.83 -31.52
C ILE A 799 12.34 15.15 -31.68
N LYS A 800 12.35 13.98 -32.32
CA LYS A 800 11.13 13.20 -32.51
C LYS A 800 11.04 12.04 -31.53
N THR A 801 9.88 11.87 -30.92
CA THR A 801 9.67 10.79 -29.96
C THR A 801 9.17 9.53 -30.67
N ASN A 802 8.92 8.48 -29.90
CA ASN A 802 8.36 7.25 -30.46
C ASN A 802 6.83 7.29 -30.50
N GLN A 803 6.29 8.50 -30.52
CA GLN A 803 4.86 8.70 -30.64
C GLN A 803 4.58 9.77 -31.70
N ASN A 804 5.51 9.89 -32.65
CA ASN A 804 5.45 10.92 -33.70
C ASN A 804 5.40 12.35 -33.17
N ARG A 805 5.74 12.52 -31.91
CA ARG A 805 5.73 13.84 -31.28
C ARG A 805 7.09 14.51 -31.41
N THR A 806 7.08 15.81 -31.69
CA THR A 806 8.32 16.54 -31.94
C THR A 806 8.40 17.85 -31.17
N PHE A 807 9.36 17.94 -30.24
CA PHE A 807 9.60 19.16 -29.50
C PHE A 807 10.94 19.79 -29.92
N GLU A 808 11.55 20.56 -29.04
CA GLU A 808 12.83 21.19 -29.33
C GLU A 808 13.77 21.15 -28.13
N TYR A 809 14.98 20.62 -28.33
CA TYR A 809 15.99 20.63 -27.29
C TYR A 809 16.80 21.91 -27.34
N TRP A 810 17.24 22.38 -26.17
CA TRP A 810 17.97 23.64 -26.09
C TRP A 810 19.08 23.60 -25.03
N GLN A 811 20.06 24.48 -25.19
CA GLN A 811 21.09 24.71 -24.18
C GLN A 811 21.85 25.98 -24.51
N THR A 812 22.20 26.75 -23.48
CA THR A 812 22.93 28.00 -23.66
C THR A 812 24.05 28.10 -22.62
N VAL A 813 25.24 28.49 -23.06
CA VAL A 813 26.41 28.46 -22.19
C VAL A 813 27.02 29.84 -21.96
N GLU A 814 27.54 30.07 -20.76
CA GLU A 814 28.28 31.28 -20.45
C GLU A 814 29.64 31.23 -21.13
N VAL A 815 29.90 32.19 -22.01
CA VAL A 815 31.20 32.26 -22.69
C VAL A 815 32.23 32.97 -21.81
N LYS A 816 33.27 32.23 -21.44
CA LYS A 816 34.37 32.81 -20.67
C LYS A 816 35.71 32.50 -21.33
N ASN A 817 36.56 33.52 -21.42
CA ASN A 817 37.87 33.41 -22.07
C ASN A 817 37.79 32.95 -23.52
N GLY A 818 36.74 33.37 -24.21
CA GLY A 818 36.61 33.15 -25.64
C GLY A 818 36.37 31.72 -26.07
N THR A 819 36.33 30.79 -25.12
CA THR A 819 36.11 29.39 -25.44
C THR A 819 34.89 28.82 -24.74
N TYR A 820 33.83 28.58 -25.51
CA TYR A 820 32.63 27.95 -24.97
C TYR A 820 32.89 26.47 -24.74
N THR A 821 32.02 25.82 -23.97
CA THR A 821 32.15 24.41 -23.69
C THR A 821 30.79 23.81 -23.33
N VAL A 822 30.13 23.23 -24.33
CA VAL A 822 28.80 22.65 -24.12
C VAL A 822 28.82 21.12 -24.10
N VAL A 823 27.96 20.54 -23.28
CA VAL A 823 27.83 19.10 -23.19
C VAL A 823 26.48 18.66 -23.76
N LEU A 824 26.50 17.79 -24.76
CA LEU A 824 25.27 17.39 -25.44
C LEU A 824 24.92 15.93 -25.16
N PRO A 825 23.71 15.69 -24.66
CA PRO A 825 23.24 14.36 -24.25
C PRO A 825 22.69 13.50 -25.40
N TYR A 826 21.87 14.09 -26.26
CA TYR A 826 21.25 13.35 -27.35
C TYR A 826 22.26 12.98 -28.44
N SER A 827 22.05 11.83 -29.07
CA SER A 827 22.91 11.38 -30.16
C SER A 827 22.07 11.01 -31.38
N HIS A 828 22.72 10.85 -32.53
CA HIS A 828 22.02 10.70 -33.79
C HIS A 828 21.74 9.26 -34.22
N ASN A 829 22.77 8.44 -34.31
CA ASN A 829 22.60 7.07 -34.80
C ASN A 829 22.33 6.04 -33.70
N SER A 830 21.67 6.46 -32.63
CA SER A 830 21.33 5.54 -31.55
C SER A 830 20.23 4.59 -31.98
N ASP A 831 20.11 3.46 -31.29
CA ASP A 831 19.05 2.52 -31.57
C ASP A 831 17.87 2.72 -30.62
N TYR A 832 17.89 3.86 -29.92
CA TYR A 832 16.76 4.28 -29.10
C TYR A 832 15.75 4.98 -29.98
N PRO A 833 14.46 4.66 -29.83
CA PRO A 833 13.39 5.16 -30.70
C PRO A 833 13.18 6.67 -30.63
N VAL A 834 13.84 7.33 -29.70
CA VAL A 834 13.78 8.79 -29.63
C VAL A 834 15.07 9.40 -30.16
N LYS A 835 15.06 9.73 -31.45
CA LYS A 835 16.23 10.32 -32.10
C LYS A 835 15.93 11.70 -32.64
N PRO A 836 16.88 12.64 -32.48
CA PRO A 836 16.77 13.98 -33.05
C PRO A 836 16.75 13.89 -34.58
N ILE A 837 15.83 14.62 -35.20
CA ILE A 837 15.68 14.57 -36.66
C ILE A 837 16.42 15.71 -37.35
N THR A 838 17.04 16.58 -36.56
CA THR A 838 17.85 17.68 -37.08
C THR A 838 19.17 17.78 -36.31
N PRO A 839 20.23 18.22 -36.99
CA PRO A 839 21.54 18.38 -36.34
C PRO A 839 21.57 19.56 -35.38
N TYR A 840 22.52 19.55 -34.44
CA TYR A 840 22.66 20.64 -33.49
C TYR A 840 23.00 21.94 -34.21
N HIS A 841 22.00 22.78 -34.43
CA HIS A 841 22.24 24.07 -35.08
C HIS A 841 22.79 25.08 -34.07
N ILE A 842 24.09 25.01 -33.82
CA ILE A 842 24.76 25.90 -32.88
C ILE A 842 24.85 27.31 -33.44
N LYS A 843 25.16 28.28 -32.57
CA LYS A 843 25.24 29.68 -32.98
C LYS A 843 25.94 30.54 -31.93
N ALA A 844 26.90 31.33 -32.36
CA ALA A 844 27.61 32.25 -31.48
C ALA A 844 27.93 33.55 -32.22
N GLY A 845 27.01 34.50 -32.15
CA GLY A 845 27.10 35.71 -32.95
C GLY A 845 26.29 35.53 -34.21
N ASN A 846 26.73 36.14 -35.30
CA ASN A 846 26.05 35.98 -36.58
C ASN A 846 26.57 34.74 -37.31
N VAL A 847 27.59 34.10 -36.74
CA VAL A 847 28.20 32.91 -37.31
C VAL A 847 27.58 31.64 -36.73
N VAL A 848 27.22 30.70 -37.60
CA VAL A 848 26.48 29.51 -37.20
C VAL A 848 26.94 28.26 -37.97
N LYS A 849 27.14 27.15 -37.24
CA LYS A 849 27.51 25.89 -37.87
C LYS A 849 26.42 24.82 -37.73
N GLU A 850 26.83 23.56 -37.78
CA GLU A 850 25.88 22.43 -37.77
C GLU A 850 26.60 21.10 -37.58
N ILE A 851 26.68 20.64 -36.33
CA ILE A 851 27.36 19.38 -36.01
C ILE A 851 26.43 18.17 -36.04
N THR A 852 27.02 16.99 -36.10
CA THR A 852 26.26 15.73 -36.16
C THR A 852 26.96 14.63 -35.38
N ILE A 853 26.72 14.61 -34.07
CA ILE A 853 27.46 13.73 -33.16
C ILE A 853 26.89 12.31 -33.12
N TYR A 854 27.75 11.33 -32.83
CA TYR A 854 27.32 9.94 -32.65
C TYR A 854 27.71 9.37 -31.28
N GLU A 855 27.05 8.28 -30.88
CA GLU A 855 27.13 7.76 -29.51
C GLU A 855 28.54 7.46 -28.99
N SER A 856 29.42 7.00 -29.87
CA SER A 856 30.78 6.66 -29.48
C SER A 856 31.51 7.83 -28.85
N GLN A 857 31.02 9.04 -29.14
CA GLN A 857 31.52 10.25 -28.51
C GLN A 857 30.61 10.64 -27.35
N VAL A 858 29.30 10.61 -27.60
CA VAL A 858 28.31 11.01 -26.61
C VAL A 858 28.38 10.20 -25.31
N GLN A 859 28.40 8.87 -25.44
CA GLN A 859 28.43 8.00 -24.26
C GLN A 859 29.80 7.95 -23.59
N ASN A 860 30.86 8.13 -24.38
CA ASN A 860 32.20 8.10 -23.83
C ASN A 860 32.73 9.48 -23.45
N GLY A 861 31.94 10.50 -23.73
CA GLY A 861 32.30 11.87 -23.38
C GLY A 861 33.51 12.37 -24.12
N GLU A 862 33.63 12.01 -25.40
CA GLU A 862 34.74 12.47 -26.21
C GLU A 862 34.64 13.96 -26.51
N ILE A 863 35.75 14.66 -26.38
CA ILE A 863 35.78 16.10 -26.59
C ILE A 863 35.98 16.44 -28.07
N ILE A 864 35.01 17.13 -28.65
CA ILE A 864 35.10 17.55 -30.04
C ILE A 864 35.28 19.07 -30.10
N GLN A 865 36.24 19.51 -30.90
CA GLN A 865 36.59 20.93 -30.96
C GLN A 865 35.90 21.64 -32.11
N LEU A 866 35.46 22.88 -31.88
CA LEU A 866 34.78 23.66 -32.90
C LEU A 866 35.01 25.16 -32.73
N ASP A 867 35.70 25.76 -33.69
CA ASP A 867 35.96 27.20 -33.65
C ASP A 867 35.02 27.95 -34.59
N LEU A 868 35.19 29.27 -34.66
CA LEU A 868 34.38 30.11 -35.52
C LEU A 868 35.02 31.49 -35.71
#